data_2I7U
#
_entry.id   2I7U
#
_cell.length_a   1.000
_cell.length_b   1.000
_cell.length_c   1.000
_cell.angle_alpha   90.00
_cell.angle_beta   90.00
_cell.angle_gamma   90.00
#
_symmetry.space_group_name_H-M   'P 1'
#
_entity_poly.entity_id   1
_entity_poly.type   'polypeptide(L)'
_entity_poly.pdbx_seq_one_letter_code
;MKKLREEAAKLFEEWKKLAEEAAKLLEGGGGGGGGELMKLCEEAAKKAEELFKLAEERLKKL
;
_entity_poly.pdbx_strand_id   A,B
#
# COMPACT_ATOMS: atom_id res chain seq x y z
N MET A 1 24.03 3.64 -10.69
CA MET A 1 25.24 3.78 -9.89
C MET A 1 24.90 4.11 -8.45
N LYS A 2 23.77 3.61 -7.97
CA LYS A 2 23.34 3.85 -6.61
C LYS A 2 22.87 2.55 -5.95
N LYS A 3 22.76 2.57 -4.63
CA LYS A 3 22.32 1.40 -3.87
C LYS A 3 20.93 1.60 -3.31
N LEU A 4 20.58 2.86 -3.05
CA LEU A 4 19.27 3.20 -2.50
C LEU A 4 18.18 3.04 -3.55
N ARG A 5 18.56 3.17 -4.82
CA ARG A 5 17.62 3.04 -5.92
C ARG A 5 16.93 1.69 -5.89
N GLU A 6 17.73 0.63 -5.86
CA GLU A 6 17.19 -0.74 -5.83
C GLU A 6 16.59 -1.05 -4.47
N GLU A 7 17.12 -0.40 -3.42
CA GLU A 7 16.63 -0.62 -2.07
C GLU A 7 15.20 -0.11 -1.91
N ALA A 8 15.00 1.17 -2.21
CA ALA A 8 13.69 1.79 -2.11
C ALA A 8 12.64 0.99 -2.89
N ALA A 9 12.98 0.64 -4.13
CA ALA A 9 12.08 -0.14 -4.98
C ALA A 9 11.64 -1.43 -4.29
N LYS A 10 12.53 -1.98 -3.47
CA LYS A 10 12.23 -3.21 -2.75
C LYS A 10 11.23 -2.97 -1.63
N LEU A 11 11.39 -1.84 -0.93
CA LEU A 11 10.51 -1.48 0.16
C LEU A 11 9.06 -1.34 -0.33
N PHE A 12 8.91 -0.92 -1.57
CA PHE A 12 7.59 -0.74 -2.16
C PHE A 12 6.83 -2.06 -2.20
N GLU A 13 7.57 -3.15 -2.40
CA GLU A 13 6.97 -4.48 -2.47
C GLU A 13 6.47 -4.92 -1.09
N GLU A 14 7.17 -4.47 -0.04
CA GLU A 14 6.80 -4.82 1.32
C GLU A 14 5.33 -4.51 1.59
N TRP A 15 4.88 -3.34 1.11
CA TRP A 15 3.50 -2.93 1.31
C TRP A 15 2.54 -3.91 0.63
N LYS A 16 2.84 -4.26 -0.61
CA LYS A 16 2.01 -5.19 -1.36
C LYS A 16 2.04 -6.59 -0.74
N LYS A 17 3.15 -6.90 -0.07
CA LYS A 17 3.31 -8.19 0.58
C LYS A 17 2.21 -8.43 1.60
N LEU A 18 2.01 -7.46 2.48
CA LEU A 18 0.99 -7.57 3.53
C LEU A 18 -0.41 -7.40 2.93
N ALA A 19 -0.49 -6.59 1.87
CA ALA A 19 -1.78 -6.34 1.21
C ALA A 19 -2.31 -7.61 0.54
N GLU A 20 -1.42 -8.36 -0.08
CA GLU A 20 -1.79 -9.60 -0.75
C GLU A 20 -2.28 -10.63 0.25
N GLU A 21 -1.57 -10.76 1.37
CA GLU A 21 -1.93 -11.72 2.40
C GLU A 21 -3.24 -11.32 3.07
N ALA A 22 -3.49 -10.02 3.15
CA ALA A 22 -4.71 -9.51 3.76
C ALA A 22 -5.92 -9.78 2.89
N ALA A 23 -5.71 -9.77 1.57
CA ALA A 23 -6.79 -10.02 0.63
C ALA A 23 -7.49 -11.35 0.92
N LYS A 24 -6.73 -12.31 1.44
CA LYS A 24 -7.27 -13.61 1.78
C LYS A 24 -8.15 -13.55 3.02
N LEU A 25 -7.80 -12.65 3.93
CA LEU A 25 -8.56 -12.48 5.17
C LEU A 25 -9.86 -11.75 4.91
N LEU A 26 -9.86 -10.86 3.92
CA LEU A 26 -11.05 -10.10 3.56
C LEU A 26 -12.05 -10.97 2.83
N GLU A 27 -11.56 -11.96 2.11
CA GLU A 27 -12.42 -12.87 1.35
C GLU A 27 -12.77 -14.10 2.19
N GLY A 28 -11.91 -14.44 3.13
CA GLY A 28 -12.15 -15.59 3.98
C GLY A 28 -11.28 -16.78 3.62
N GLY A 29 -11.41 -17.25 2.39
CA GLY A 29 -10.63 -18.39 1.94
C GLY A 29 -11.18 -19.02 0.68
N GLY A 30 -12.50 -19.15 0.61
CA GLY A 30 -13.13 -19.74 -0.55
C GLY A 30 -13.79 -18.70 -1.44
N GLY A 31 -13.05 -17.66 -1.78
CA GLY A 31 -13.57 -16.60 -2.63
C GLY A 31 -13.63 -17.00 -4.09
N GLY A 32 -14.02 -16.07 -4.95
CA GLY A 32 -14.09 -16.35 -6.37
C GLY A 32 -15.35 -15.78 -7.01
N GLY A 33 -16.50 -16.32 -6.61
CA GLY A 33 -17.77 -15.85 -7.16
C GLY A 33 -17.98 -14.37 -6.93
N GLY A 34 -18.61 -14.04 -5.81
CA GLY A 34 -18.87 -12.65 -5.48
C GLY A 34 -17.99 -12.15 -4.35
N GLY A 35 -16.69 -12.05 -4.60
CA GLY A 35 -15.77 -11.58 -3.59
C GLY A 35 -15.21 -10.21 -3.91
N GLU A 36 -16.03 -9.18 -3.74
CA GLU A 36 -15.61 -7.81 -4.02
C GLU A 36 -14.60 -7.34 -2.98
N LEU A 37 -14.74 -7.83 -1.75
CA LEU A 37 -13.85 -7.45 -0.67
C LEU A 37 -12.39 -7.71 -1.05
N MET A 38 -12.17 -8.74 -1.87
CA MET A 38 -10.83 -9.10 -2.31
C MET A 38 -10.33 -8.12 -3.38
N LYS A 39 -11.27 -7.57 -4.15
CA LYS A 39 -10.93 -6.63 -5.20
C LYS A 39 -10.57 -5.27 -4.61
N LEU A 40 -11.24 -4.90 -3.52
CA LEU A 40 -10.98 -3.62 -2.87
C LEU A 40 -9.56 -3.54 -2.35
N CYS A 41 -9.09 -4.64 -1.75
CA CYS A 41 -7.73 -4.70 -1.21
C CYS A 41 -6.70 -4.67 -2.33
N GLU A 42 -6.93 -5.49 -3.34
CA GLU A 42 -6.01 -5.57 -4.49
C GLU A 42 -5.87 -4.21 -5.16
N GLU A 43 -6.93 -3.42 -5.12
CA GLU A 43 -6.93 -2.09 -5.73
C GLU A 43 -5.81 -1.22 -5.13
N ALA A 44 -5.60 -1.35 -3.83
CA ALA A 44 -4.56 -0.59 -3.14
C ALA A 44 -3.18 -0.97 -3.66
N ALA A 45 -2.92 -2.27 -3.77
CA ALA A 45 -1.63 -2.76 -4.26
C ALA A 45 -1.43 -2.41 -5.73
N LYS A 46 -2.54 -2.31 -6.47
CA LYS A 46 -2.49 -1.99 -7.89
C LYS A 46 -1.96 -0.58 -8.11
N LYS A 47 -2.26 0.32 -7.17
CA LYS A 47 -1.80 1.70 -7.26
C LYS A 47 -0.29 1.78 -7.23
N ALA A 48 0.33 0.92 -6.43
CA ALA A 48 1.78 0.89 -6.31
C ALA A 48 2.44 0.54 -7.64
N GLU A 49 1.71 -0.23 -8.47
CA GLU A 49 2.23 -0.62 -9.78
C GLU A 49 2.18 0.54 -10.76
N GLU A 50 1.17 1.40 -10.60
CA GLU A 50 1.02 2.55 -11.48
C GLU A 50 2.04 3.64 -11.15
N LEU A 51 2.40 3.72 -9.88
CA LEU A 51 3.38 4.71 -9.43
C LEU A 51 4.79 4.32 -9.85
N PHE A 52 5.06 3.02 -9.86
CA PHE A 52 6.38 2.52 -10.25
C PHE A 52 6.76 3.01 -11.64
N LYS A 53 5.77 3.17 -12.51
CA LYS A 53 6.00 3.63 -13.86
C LYS A 53 6.63 5.02 -13.85
N LEU A 54 6.11 5.92 -13.03
CA LEU A 54 6.62 7.27 -12.93
C LEU A 54 7.93 7.30 -12.15
N ALA A 55 7.95 6.63 -11.01
CA ALA A 55 9.15 6.58 -10.17
C ALA A 55 10.33 6.01 -10.95
N GLU A 56 10.03 5.21 -11.98
CA GLU A 56 11.07 4.61 -12.80
C GLU A 56 12.00 5.67 -13.39
N GLU A 57 11.40 6.67 -14.03
CA GLU A 57 12.17 7.75 -14.63
C GLU A 57 12.71 8.70 -13.57
N ARG A 58 12.03 8.76 -12.43
CA ARG A 58 12.45 9.62 -11.33
C ARG A 58 13.76 9.13 -10.73
N LEU A 59 13.95 7.82 -10.73
CA LEU A 59 15.16 7.22 -10.17
C LEU A 59 16.15 6.88 -11.29
N LYS A 60 15.64 6.65 -12.49
CA LYS A 60 16.47 6.33 -13.64
C LYS A 60 16.71 7.56 -14.51
N LYS A 61 17.86 8.20 -14.31
CA LYS A 61 18.21 9.38 -15.08
C LYS A 61 18.41 9.04 -16.55
N LEU A 62 17.71 9.76 -17.43
CA LEU A 62 17.81 9.53 -18.86
C LEU A 62 19.12 10.08 -19.42
N MET B 1 -16.66 -11.04 19.79
CA MET B 1 -16.88 -9.83 18.99
C MET B 1 -16.02 -9.83 17.74
N LYS B 2 -16.35 -8.95 16.79
CA LYS B 2 -15.60 -8.86 15.55
C LYS B 2 -15.70 -10.15 14.75
N LYS B 3 -15.39 -10.07 13.46
CA LYS B 3 -15.44 -11.23 12.58
C LYS B 3 -14.40 -11.12 11.47
N LEU B 4 -14.34 -9.95 10.84
CA LEU B 4 -13.38 -9.72 9.76
C LEU B 4 -13.51 -8.29 9.24
N ARG B 5 -14.73 -7.78 9.18
CA ARG B 5 -14.99 -6.43 8.70
C ARG B 5 -14.12 -5.41 9.44
N GLU B 6 -14.23 -5.41 10.76
CA GLU B 6 -13.47 -4.49 11.59
C GLU B 6 -11.97 -4.81 11.51
N GLU B 7 -11.66 -6.09 11.38
CA GLU B 7 -10.26 -6.53 11.29
C GLU B 7 -9.59 -5.94 10.06
N ALA B 8 -10.35 -5.80 8.98
CA ALA B 8 -9.83 -5.26 7.73
C ALA B 8 -9.35 -3.83 7.92
N ALA B 9 -10.23 -2.97 8.44
CA ALA B 9 -9.88 -1.57 8.66
C ALA B 9 -8.60 -1.45 9.49
N LYS B 10 -8.40 -2.40 10.40
CA LYS B 10 -7.21 -2.40 11.25
C LYS B 10 -5.99 -2.87 10.48
N LEU B 11 -6.20 -3.76 9.52
CA LEU B 11 -5.11 -4.28 8.70
C LEU B 11 -4.51 -3.19 7.82
N PHE B 12 -5.34 -2.24 7.42
CA PHE B 12 -4.90 -1.14 6.58
C PHE B 12 -3.72 -0.39 7.23
N GLU B 13 -3.67 -0.44 8.56
CA GLU B 13 -2.60 0.23 9.30
C GLU B 13 -1.26 -0.49 9.09
N GLU B 14 -1.32 -1.80 8.91
CA GLU B 14 -0.12 -2.60 8.69
C GLU B 14 0.72 -2.01 7.56
N TRP B 15 0.08 -1.75 6.43
CA TRP B 15 0.78 -1.18 5.28
C TRP B 15 1.44 0.13 5.63
N LYS B 16 0.67 1.05 6.17
CA LYS B 16 1.18 2.37 6.56
C LYS B 16 2.39 2.23 7.47
N LYS B 17 2.37 1.21 8.33
CA LYS B 17 3.46 0.96 9.26
C LYS B 17 4.78 0.79 8.51
N LEU B 18 4.75 -0.01 7.45
CA LEU B 18 5.95 -0.26 6.66
C LEU B 18 6.28 0.95 5.79
N ALA B 19 5.25 1.73 5.45
CA ALA B 19 5.43 2.91 4.62
C ALA B 19 6.32 3.94 5.32
N GLU B 20 6.07 4.15 6.62
CA GLU B 20 6.84 5.11 7.39
C GLU B 20 8.30 4.67 7.51
N GLU B 21 8.50 3.36 7.71
CA GLU B 21 9.85 2.81 7.83
C GLU B 21 10.60 2.92 6.51
N ALA B 22 9.87 2.82 5.41
CA ALA B 22 10.48 2.91 4.08
C ALA B 22 10.98 4.32 3.81
N ALA B 23 10.29 5.31 4.36
CA ALA B 23 10.67 6.71 4.17
C ALA B 23 12.07 6.97 4.70
N LYS B 24 12.45 6.25 5.75
CA LYS B 24 13.77 6.41 6.35
C LYS B 24 14.85 5.79 5.46
N LEU B 25 14.49 4.71 4.77
CA LEU B 25 15.42 4.04 3.88
C LEU B 25 15.65 4.83 2.60
N LEU B 26 14.61 5.53 2.16
CA LEU B 26 14.69 6.33 0.94
C LEU B 26 15.42 7.65 1.20
N GLU B 27 15.30 8.15 2.43
CA GLU B 27 15.95 9.40 2.80
C GLU B 27 17.38 9.14 3.27
N GLY B 28 17.63 7.95 3.78
CA GLY B 28 18.96 7.60 4.25
C GLY B 28 19.45 8.53 5.33
N GLY B 29 18.64 8.71 6.37
CA GLY B 29 19.01 9.58 7.47
C GLY B 29 18.15 10.84 7.53
N GLY B 30 18.13 11.58 6.43
CA GLY B 30 17.35 12.81 6.39
C GLY B 30 17.15 13.31 4.98
N GLY B 31 16.24 14.28 4.81
CA GLY B 31 15.97 14.83 3.50
C GLY B 31 17.03 15.82 3.06
N GLY B 32 16.71 17.11 3.19
CA GLY B 32 17.65 18.14 2.80
C GLY B 32 17.44 18.61 1.37
N GLY B 33 17.36 19.93 1.19
CA GLY B 33 17.15 20.48 -0.14
C GLY B 33 15.91 19.92 -0.81
N GLY B 34 14.77 20.02 -0.14
CA GLY B 34 13.53 19.52 -0.70
C GLY B 34 13.49 18.00 -0.72
N GLY B 35 13.35 17.43 -1.92
CA GLY B 35 13.30 15.99 -2.06
C GLY B 35 11.89 15.49 -2.33
N GLU B 36 11.63 15.13 -3.59
CA GLU B 36 10.32 14.64 -3.98
C GLU B 36 10.19 13.14 -3.66
N LEU B 37 11.31 12.44 -3.68
CA LEU B 37 11.32 11.01 -3.39
C LEU B 37 10.59 10.70 -2.09
N MET B 38 10.72 11.59 -1.11
CA MET B 38 10.07 11.43 0.18
C MET B 38 8.58 11.73 0.08
N LYS B 39 8.23 12.65 -0.82
CA LYS B 39 6.83 13.03 -1.01
C LYS B 39 6.08 11.97 -1.81
N LEU B 40 6.80 11.27 -2.68
CA LEU B 40 6.20 10.23 -3.51
C LEU B 40 5.89 8.98 -2.66
N CYS B 41 6.76 8.68 -1.71
CA CYS B 41 6.58 7.53 -0.85
C CYS B 41 5.41 7.75 0.10
N GLU B 42 5.16 9.00 0.46
CA GLU B 42 4.08 9.34 1.36
C GLU B 42 2.72 9.24 0.66
N GLU B 43 2.71 9.58 -0.63
CA GLU B 43 1.49 9.53 -1.42
C GLU B 43 0.84 8.15 -1.34
N ALA B 44 1.67 7.11 -1.48
CA ALA B 44 1.19 5.74 -1.43
C ALA B 44 0.45 5.47 -0.12
N ALA B 45 1.06 5.86 0.99
CA ALA B 45 0.46 5.66 2.30
C ALA B 45 -0.74 6.58 2.50
N LYS B 46 -0.74 7.71 1.81
CA LYS B 46 -1.83 8.67 1.91
C LYS B 46 -3.12 8.09 1.34
N LYS B 47 -2.99 7.32 0.26
CA LYS B 47 -4.15 6.71 -0.37
C LYS B 47 -4.87 5.77 0.59
N ALA B 48 -4.10 5.01 1.35
CA ALA B 48 -4.65 4.08 2.32
C ALA B 48 -5.55 4.79 3.32
N GLU B 49 -5.10 5.94 3.81
CA GLU B 49 -5.86 6.72 4.77
C GLU B 49 -7.11 7.32 4.12
N GLU B 50 -7.01 7.64 2.85
CA GLU B 50 -8.13 8.22 2.12
C GLU B 50 -9.18 7.15 1.80
N LEU B 51 -8.73 5.90 1.70
CA LEU B 51 -9.63 4.79 1.39
C LEU B 51 -10.53 4.48 2.59
N PHE B 52 -10.01 4.73 3.79
CA PHE B 52 -10.77 4.48 5.01
C PHE B 52 -12.13 5.15 4.95
N LYS B 53 -12.19 6.30 4.29
CA LYS B 53 -13.43 7.05 4.17
C LYS B 53 -14.44 6.29 3.30
N LEU B 54 -13.95 5.73 2.20
CA LEU B 54 -14.80 4.98 1.28
C LEU B 54 -15.18 3.63 1.88
N ALA B 55 -14.25 3.01 2.60
CA ALA B 55 -14.49 1.73 3.23
C ALA B 55 -15.50 1.85 4.36
N GLU B 56 -15.55 3.02 4.99
CA GLU B 56 -16.45 3.27 6.09
C GLU B 56 -17.91 3.25 5.62
N GLU B 57 -18.15 3.85 4.46
CA GLU B 57 -19.49 3.90 3.89
C GLU B 57 -19.87 2.56 3.26
N ARG B 58 -18.85 1.81 2.83
CA ARG B 58 -19.07 0.52 2.21
C ARG B 58 -19.39 -0.54 3.26
N LEU B 59 -18.37 -0.97 3.99
CA LEU B 59 -18.54 -1.99 5.03
C LEU B 59 -19.64 -1.58 6.01
N LYS B 60 -19.73 -0.29 6.30
CA LYS B 60 -20.74 0.22 7.21
C LYS B 60 -21.72 1.13 6.48
N LYS B 61 -22.88 0.58 6.13
CA LYS B 61 -23.91 1.34 5.42
C LYS B 61 -24.60 2.33 6.37
N LEU B 62 -25.28 1.80 7.37
CA LEU B 62 -25.98 2.63 8.34
C LEU B 62 -27.01 3.52 7.66
N MET A 1 25.45 5.54 -9.11
CA MET A 1 26.17 5.12 -7.91
C MET A 1 25.26 5.21 -6.68
N LYS A 2 23.99 4.83 -6.86
CA LYS A 2 23.04 4.86 -5.77
C LYS A 2 22.46 3.46 -5.51
N LYS A 3 22.36 3.10 -4.23
CA LYS A 3 21.83 1.80 -3.85
C LYS A 3 20.54 1.95 -3.06
N LEU A 4 20.39 3.08 -2.38
CA LEU A 4 19.20 3.35 -1.57
C LEU A 4 17.94 3.34 -2.44
N ARG A 5 18.10 3.76 -3.69
CA ARG A 5 16.98 3.80 -4.63
C ARG A 5 16.52 2.39 -4.98
N GLU A 6 17.47 1.47 -5.06
CA GLU A 6 17.17 0.08 -5.39
C GLU A 6 16.27 -0.55 -4.33
N GLU A 7 16.44 -0.12 -3.09
CA GLU A 7 15.65 -0.64 -1.98
C GLU A 7 14.18 -0.27 -2.14
N ALA A 8 13.93 0.89 -2.72
CA ALA A 8 12.56 1.36 -2.94
C ALA A 8 11.73 0.31 -3.66
N ALA A 9 12.23 -0.17 -4.79
CA ALA A 9 11.53 -1.19 -5.56
C ALA A 9 11.23 -2.42 -4.72
N LYS A 10 12.11 -2.70 -3.75
CA LYS A 10 11.93 -3.84 -2.86
C LYS A 10 10.85 -3.57 -1.83
N LEU A 11 10.85 -2.36 -1.28
CA LEU A 11 9.86 -1.97 -0.28
C LEU A 11 8.47 -1.90 -0.88
N PHE A 12 8.41 -1.54 -2.16
CA PHE A 12 7.13 -1.42 -2.87
C PHE A 12 6.38 -2.75 -2.84
N GLU A 13 7.11 -3.85 -2.89
CA GLU A 13 6.51 -5.18 -2.87
C GLU A 13 5.93 -5.49 -1.50
N GLU A 14 6.59 -5.00 -0.45
CA GLU A 14 6.14 -5.23 0.91
C GLU A 14 4.68 -4.81 1.08
N TRP A 15 4.36 -3.61 0.60
CA TRP A 15 3.00 -3.08 0.70
C TRP A 15 2.00 -4.05 0.07
N LYS A 16 2.31 -4.50 -1.14
CA LYS A 16 1.44 -5.43 -1.85
C LYS A 16 1.38 -6.78 -1.15
N LYS A 17 2.47 -7.12 -0.45
CA LYS A 17 2.55 -8.38 0.27
C LYS A 17 1.48 -8.47 1.35
N LEU A 18 1.33 -7.40 2.12
CA LEU A 18 0.34 -7.35 3.18
C LEU A 18 -1.06 -7.16 2.61
N ALA A 19 -1.16 -6.48 1.48
CA ALA A 19 -2.43 -6.24 0.82
C ALA A 19 -3.08 -7.55 0.39
N GLU A 20 -2.27 -8.45 -0.16
CA GLU A 20 -2.76 -9.74 -0.61
C GLU A 20 -3.28 -10.57 0.56
N GLU A 21 -2.57 -10.53 1.67
CA GLU A 21 -2.96 -11.29 2.86
C GLU A 21 -4.25 -10.71 3.46
N ALA A 22 -4.44 -9.41 3.31
CA ALA A 22 -5.62 -8.74 3.83
C ALA A 22 -6.87 -9.16 3.06
N ALA A 23 -6.70 -9.44 1.77
CA ALA A 23 -7.82 -9.85 0.92
C ALA A 23 -8.30 -11.24 1.30
N LYS A 24 -7.39 -12.08 1.74
CA LYS A 24 -7.73 -13.45 2.15
C LYS A 24 -8.62 -13.44 3.38
N LEU A 25 -8.36 -12.52 4.29
CA LEU A 25 -9.13 -12.41 5.52
C LEU A 25 -10.56 -11.96 5.23
N LEU A 26 -10.71 -11.12 4.22
CA LEU A 26 -12.02 -10.61 3.83
C LEU A 26 -12.88 -11.72 3.25
N GLU A 27 -12.27 -12.57 2.43
CA GLU A 27 -12.99 -13.68 1.81
C GLU A 27 -12.75 -14.98 2.58
N GLY A 28 -12.29 -14.85 3.83
CA GLY A 28 -12.02 -16.02 4.64
C GLY A 28 -10.70 -16.68 4.30
N GLY A 29 -10.59 -17.14 3.05
CA GLY A 29 -9.37 -17.80 2.61
C GLY A 29 -9.41 -18.17 1.15
N GLY A 30 -10.49 -18.82 0.73
CA GLY A 30 -10.63 -19.23 -0.65
C GLY A 30 -11.95 -18.81 -1.26
N GLY A 31 -12.25 -17.52 -1.17
CA GLY A 31 -13.51 -17.00 -1.71
C GLY A 31 -14.71 -17.49 -0.94
N GLY A 32 -15.88 -17.40 -1.57
CA GLY A 32 -17.10 -17.85 -0.91
C GLY A 32 -17.85 -16.70 -0.26
N GLY A 33 -19.08 -16.46 -0.71
CA GLY A 33 -19.88 -15.39 -0.15
C GLY A 33 -19.28 -14.02 -0.39
N GLY A 34 -19.72 -13.37 -1.46
CA GLY A 34 -19.20 -12.06 -1.78
C GLY A 34 -18.38 -12.05 -3.06
N GLY A 35 -17.15 -11.53 -2.97
CA GLY A 35 -16.28 -11.48 -4.13
C GLY A 35 -15.63 -10.12 -4.31
N GLU A 36 -16.43 -9.06 -4.23
CA GLU A 36 -15.93 -7.71 -4.38
C GLU A 36 -14.86 -7.40 -3.34
N LEU A 37 -14.99 -8.02 -2.17
CA LEU A 37 -14.04 -7.81 -1.08
C LEU A 37 -12.62 -8.11 -1.55
N MET A 38 -12.49 -9.04 -2.49
CA MET A 38 -11.19 -9.42 -3.02
C MET A 38 -10.66 -8.36 -3.98
N LYS A 39 -11.58 -7.72 -4.70
CA LYS A 39 -11.21 -6.69 -5.66
C LYS A 39 -10.82 -5.39 -4.95
N LEU A 40 -11.49 -5.12 -3.82
CA LEU A 40 -11.22 -3.92 -3.05
C LEU A 40 -9.74 -3.85 -2.66
N CYS A 41 -9.22 -4.95 -2.11
CA CYS A 41 -7.82 -5.01 -1.69
C CYS A 41 -6.90 -5.03 -2.90
N GLU A 42 -7.22 -5.87 -3.87
CA GLU A 42 -6.41 -5.99 -5.09
C GLU A 42 -6.27 -4.63 -5.77
N GLU A 43 -7.28 -3.79 -5.63
CA GLU A 43 -7.26 -2.46 -6.24
C GLU A 43 -6.08 -1.64 -5.72
N ALA A 44 -5.86 -1.70 -4.41
CA ALA A 44 -4.76 -0.97 -3.80
C ALA A 44 -3.42 -1.43 -4.33
N ALA A 45 -3.25 -2.74 -4.45
CA ALA A 45 -2.01 -3.31 -4.96
C ALA A 45 -1.85 -3.04 -6.45
N LYS A 46 -2.96 -2.84 -7.13
CA LYS A 46 -2.95 -2.56 -8.56
C LYS A 46 -2.28 -1.22 -8.86
N LYS A 47 -2.57 -0.23 -8.02
CA LYS A 47 -1.99 1.10 -8.18
C LYS A 47 -0.47 1.06 -8.01
N ALA A 48 0.00 0.08 -7.25
CA ALA A 48 1.44 -0.06 -7.00
C ALA A 48 2.15 -0.62 -8.24
N GLU A 49 1.49 -1.55 -8.92
CA GLU A 49 2.06 -2.16 -10.11
C GLU A 49 2.12 -1.15 -11.26
N GLU A 50 1.13 -0.26 -11.31
CA GLU A 50 1.09 0.76 -12.35
C GLU A 50 2.14 1.84 -12.12
N LEU A 51 2.43 2.11 -10.86
CA LEU A 51 3.42 3.13 -10.51
C LEU A 51 4.84 2.62 -10.79
N PHE A 52 5.02 1.31 -10.71
CA PHE A 52 6.32 0.70 -10.96
C PHE A 52 6.84 1.07 -12.34
N LYS A 53 5.92 1.21 -13.29
CA LYS A 53 6.27 1.56 -14.66
C LYS A 53 6.98 2.91 -14.70
N LEU A 54 6.41 3.90 -14.02
CA LEU A 54 6.99 5.23 -13.99
C LEU A 54 8.18 5.29 -13.04
N ALA A 55 8.11 4.52 -11.96
CA ALA A 55 9.18 4.47 -10.98
C ALA A 55 10.49 3.99 -11.60
N GLU A 56 10.37 3.15 -12.63
CA GLU A 56 11.54 2.61 -13.32
C GLU A 56 12.28 3.72 -14.06
N GLU A 57 11.53 4.53 -14.80
CA GLU A 57 12.12 5.62 -15.57
C GLU A 57 12.65 6.72 -14.64
N ARG A 58 12.04 6.81 -13.46
CA ARG A 58 12.46 7.82 -12.49
C ARG A 58 13.68 7.36 -11.70
N LEU A 59 13.46 6.42 -10.78
CA LEU A 59 14.55 5.89 -9.96
C LEU A 59 15.70 5.39 -10.83
N LYS A 60 15.35 4.76 -11.95
CA LYS A 60 16.35 4.25 -12.88
C LYS A 60 17.19 3.15 -12.22
N LYS A 61 18.02 2.49 -13.01
CA LYS A 61 18.88 1.43 -12.51
C LYS A 61 20.22 1.40 -13.25
N LEU A 62 21.28 1.05 -12.54
CA LEU A 62 22.61 0.98 -13.14
C LEU A 62 22.83 -0.36 -13.82
N MET B 1 -18.10 -6.34 13.25
CA MET B 1 -18.05 -5.89 14.65
C MET B 1 -16.97 -6.65 15.42
N LYS B 2 -15.72 -6.34 15.13
CA LYS B 2 -14.60 -6.99 15.80
C LYS B 2 -14.60 -8.49 15.53
N LYS B 3 -15.30 -8.90 14.48
CA LYS B 3 -15.37 -10.31 14.12
C LYS B 3 -14.58 -10.60 12.85
N LEU B 4 -14.51 -9.59 11.97
CA LEU B 4 -13.78 -9.74 10.72
C LEU B 4 -13.74 -8.40 9.96
N ARG B 5 -14.85 -7.69 9.99
CA ARG B 5 -14.94 -6.40 9.30
C ARG B 5 -13.94 -5.41 9.89
N GLU B 6 -13.94 -5.27 11.21
CA GLU B 6 -13.05 -4.36 11.89
C GLU B 6 -11.59 -4.78 11.71
N GLU B 7 -11.36 -6.10 11.71
CA GLU B 7 -10.02 -6.64 11.54
C GLU B 7 -9.42 -6.21 10.20
N ALA B 8 -10.25 -6.22 9.16
CA ALA B 8 -9.80 -5.85 7.83
C ALA B 8 -9.36 -4.39 7.80
N ALA B 9 -10.23 -3.49 8.24
CA ALA B 9 -9.93 -2.07 8.27
C ALA B 9 -8.63 -1.79 9.02
N LYS B 10 -8.34 -2.64 10.01
CA LYS B 10 -7.12 -2.49 10.80
C LYS B 10 -5.90 -2.92 10.01
N LEU B 11 -6.04 -3.99 9.24
CA LEU B 11 -4.94 -4.50 8.43
C LEU B 11 -4.49 -3.46 7.41
N PHE B 12 -5.43 -2.64 6.95
CA PHE B 12 -5.13 -1.60 5.97
C PHE B 12 -4.01 -0.69 6.47
N GLU B 13 -4.03 -0.41 7.77
CA GLU B 13 -3.01 0.45 8.37
C GLU B 13 -1.62 -0.16 8.22
N GLU B 14 -1.55 -1.49 8.21
CA GLU B 14 -0.28 -2.19 8.06
C GLU B 14 0.49 -1.67 6.84
N TRP B 15 -0.24 -1.41 5.76
CA TRP B 15 0.38 -0.92 4.53
C TRP B 15 1.11 0.39 4.79
N LYS B 16 0.45 1.32 5.47
CA LYS B 16 1.05 2.61 5.78
C LYS B 16 2.26 2.45 6.69
N LYS B 17 2.25 1.40 7.49
CA LYS B 17 3.36 1.14 8.42
C LYS B 17 4.67 0.99 7.66
N LEU B 18 4.67 0.18 6.62
CA LEU B 18 5.86 -0.04 5.81
C LEU B 18 6.13 1.16 4.91
N ALA B 19 5.06 1.82 4.47
CA ALA B 19 5.19 2.99 3.60
C ALA B 19 5.99 4.09 4.29
N GLU B 20 5.70 4.32 5.57
CA GLU B 20 6.40 5.36 6.32
C GLU B 20 7.87 5.01 6.50
N GLU B 21 8.15 3.73 6.69
CA GLU B 21 9.53 3.27 6.87
C GLU B 21 10.32 3.41 5.58
N ALA B 22 9.64 3.21 4.45
CA ALA B 22 10.28 3.31 3.14
C ALA B 22 10.68 4.75 2.84
N ALA B 23 9.92 5.70 3.37
CA ALA B 23 10.19 7.12 3.16
C ALA B 23 11.41 7.56 3.97
N LYS B 24 11.62 6.93 5.11
CA LYS B 24 12.74 7.26 5.98
C LYS B 24 14.05 6.81 5.35
N LEU B 25 14.00 5.71 4.61
CA LEU B 25 15.18 5.17 3.95
C LEU B 25 15.60 6.04 2.77
N LEU B 26 14.61 6.65 2.12
CA LEU B 26 14.87 7.50 0.97
C LEU B 26 15.39 8.87 1.42
N GLU B 27 15.01 9.27 2.63
CA GLU B 27 15.44 10.55 3.17
C GLU B 27 16.87 10.48 3.70
N GLY B 28 17.26 9.31 4.18
CA GLY B 28 18.60 9.12 4.69
C GLY B 28 18.85 9.92 5.96
N GLY B 29 17.78 10.21 6.69
CA GLY B 29 17.90 10.97 7.92
C GLY B 29 16.88 12.09 8.01
N GLY B 30 16.68 12.80 6.91
CA GLY B 30 15.74 13.90 6.89
C GLY B 30 14.31 13.44 7.17
N GLY B 31 13.40 14.40 7.31
CA GLY B 31 12.01 14.06 7.58
C GLY B 31 11.07 15.23 7.33
N GLY B 32 9.90 14.93 6.80
CA GLY B 32 8.92 15.97 6.51
C GLY B 32 8.72 16.18 5.02
N GLY B 33 9.78 16.59 4.33
CA GLY B 33 9.69 16.81 2.89
C GLY B 33 10.94 17.46 2.34
N GLY B 34 11.99 16.64 2.16
CA GLY B 34 13.24 17.16 1.63
C GLY B 34 13.41 16.84 0.15
N GLY B 35 12.87 15.70 -0.27
CA GLY B 35 12.98 15.31 -1.67
C GLY B 35 11.69 14.73 -2.21
N GLU B 36 11.67 14.44 -3.50
CA GLU B 36 10.49 13.88 -4.15
C GLU B 36 10.34 12.39 -3.82
N LEU B 37 11.47 11.72 -3.65
CA LEU B 37 11.47 10.29 -3.33
C LEU B 37 10.63 10.02 -2.09
N MET B 38 10.60 10.97 -1.17
CA MET B 38 9.84 10.83 0.07
C MET B 38 8.35 11.04 -0.20
N LYS B 39 8.04 11.88 -1.18
CA LYS B 39 6.65 12.16 -1.53
C LYS B 39 6.04 11.00 -2.31
N LEU B 40 6.86 10.34 -3.12
CA LEU B 40 6.39 9.21 -3.93
C LEU B 40 5.87 8.09 -3.03
N CYS B 41 6.59 7.82 -1.94
CA CYS B 41 6.19 6.78 -1.01
C CYS B 41 4.93 7.18 -0.24
N GLU B 42 4.95 8.39 0.32
CA GLU B 42 3.82 8.90 1.08
C GLU B 42 2.56 8.96 0.22
N GLU B 43 2.76 9.19 -1.08
CA GLU B 43 1.64 9.27 -2.01
C GLU B 43 0.73 8.04 -1.89
N ALA B 44 1.34 6.87 -1.91
CA ALA B 44 0.60 5.61 -1.80
C ALA B 44 -0.15 5.54 -0.47
N ALA B 45 0.47 6.08 0.58
CA ALA B 45 -0.13 6.07 1.90
C ALA B 45 -1.35 6.98 1.96
N LYS B 46 -1.33 8.05 1.17
CA LYS B 46 -2.44 8.99 1.13
C LYS B 46 -3.70 8.34 0.55
N LYS B 47 -3.50 7.43 -0.39
CA LYS B 47 -4.62 6.74 -1.02
C LYS B 47 -5.40 5.93 0.01
N ALA B 48 -4.68 5.32 0.94
CA ALA B 48 -5.30 4.52 1.99
C ALA B 48 -6.29 5.35 2.81
N GLU B 49 -5.89 6.59 3.10
CA GLU B 49 -6.74 7.49 3.88
C GLU B 49 -8.01 7.83 3.13
N GLU B 50 -7.91 7.90 1.81
CA GLU B 50 -9.06 8.22 0.97
C GLU B 50 -9.93 6.98 0.74
N LEU B 51 -9.29 5.82 0.70
CA LEU B 51 -10.00 4.57 0.48
C LEU B 51 -10.81 4.18 1.72
N PHE B 52 -10.29 4.53 2.89
CA PHE B 52 -10.96 4.22 4.15
C PHE B 52 -12.38 4.78 4.16
N LYS B 53 -12.56 5.92 3.51
CA LYS B 53 -13.87 6.55 3.44
C LYS B 53 -14.87 5.68 2.70
N LEU B 54 -14.41 5.01 1.65
CA LEU B 54 -15.26 4.13 0.86
C LEU B 54 -15.48 2.79 1.58
N ALA B 55 -14.38 2.18 2.02
CA ALA B 55 -14.44 0.91 2.72
C ALA B 55 -15.37 1.00 3.93
N GLU B 56 -15.43 2.18 4.53
CA GLU B 56 -16.27 2.39 5.71
C GLU B 56 -17.74 2.50 5.31
N GLU B 57 -17.98 3.10 4.15
CA GLU B 57 -19.34 3.28 3.65
C GLU B 57 -19.91 1.95 3.15
N ARG B 58 -19.03 1.06 2.73
CA ARG B 58 -19.43 -0.24 2.21
C ARG B 58 -19.48 -1.28 3.33
N LEU B 59 -18.56 -1.15 4.28
CA LEU B 59 -18.48 -2.07 5.41
C LEU B 59 -19.22 -1.51 6.62
N LYS B 60 -20.20 -0.65 6.36
CA LYS B 60 -20.99 -0.04 7.43
C LYS B 60 -22.08 0.85 6.86
N LYS B 61 -23.33 0.48 7.11
CA LYS B 61 -24.47 1.26 6.62
C LYS B 61 -25.16 1.98 7.77
N LEU B 62 -25.57 1.23 8.78
CA LEU B 62 -26.24 1.81 9.94
C LEU B 62 -25.62 1.31 11.25
N MET A 1 25.50 -0.81 -9.57
CA MET A 1 25.77 0.60 -9.38
C MET A 1 24.65 1.27 -8.59
N LYS A 2 23.96 0.48 -7.77
CA LYS A 2 22.86 0.98 -6.96
C LYS A 2 22.86 0.32 -5.58
N LYS A 3 22.58 1.11 -4.55
CA LYS A 3 22.53 0.60 -3.18
C LYS A 3 21.25 1.04 -2.48
N LEU A 4 20.87 2.29 -2.69
CA LEU A 4 19.66 2.83 -2.07
C LEU A 4 18.48 2.75 -3.03
N ARG A 5 18.76 2.88 -4.33
CA ARG A 5 17.73 2.83 -5.35
C ARG A 5 17.05 1.45 -5.36
N GLU A 6 17.85 0.41 -5.55
CA GLU A 6 17.33 -0.96 -5.59
C GLU A 6 16.61 -1.29 -4.29
N GLU A 7 17.16 -0.84 -3.17
CA GLU A 7 16.56 -1.10 -1.87
C GLU A 7 15.19 -0.45 -1.76
N ALA A 8 15.08 0.77 -2.26
CA ALA A 8 13.82 1.51 -2.23
C ALA A 8 12.80 0.88 -3.15
N ALA A 9 13.17 0.67 -4.41
CA ALA A 9 12.29 0.08 -5.39
C ALA A 9 11.76 -1.27 -4.91
N LYS A 10 12.61 -2.01 -4.19
CA LYS A 10 12.23 -3.32 -3.67
C LYS A 10 11.30 -3.18 -2.46
N LEU A 11 11.53 -2.13 -1.68
CA LEU A 11 10.71 -1.88 -0.49
C LEU A 11 9.23 -1.84 -0.84
N PHE A 12 8.93 -1.42 -2.07
CA PHE A 12 7.56 -1.33 -2.53
C PHE A 12 6.83 -2.66 -2.38
N GLU A 13 7.60 -3.75 -2.44
CA GLU A 13 7.04 -5.08 -2.29
C GLU A 13 6.48 -5.30 -0.90
N GLU A 14 7.10 -4.66 0.09
CA GLU A 14 6.68 -4.78 1.47
C GLU A 14 5.18 -4.49 1.61
N TRP A 15 4.76 -3.35 1.07
CA TRP A 15 3.36 -2.96 1.13
C TRP A 15 2.46 -4.05 0.54
N LYS A 16 2.75 -4.45 -0.69
CA LYS A 16 1.97 -5.48 -1.36
C LYS A 16 1.94 -6.76 -0.54
N LYS A 17 3.02 -7.01 0.19
CA LYS A 17 3.11 -8.20 1.03
C LYS A 17 1.92 -8.30 1.98
N LEU A 18 1.66 -7.22 2.69
CA LEU A 18 0.55 -7.17 3.64
C LEU A 18 -0.79 -7.05 2.90
N ALA A 19 -0.77 -6.38 1.75
CA ALA A 19 -1.97 -6.19 0.95
C ALA A 19 -2.54 -7.53 0.48
N GLU A 20 -1.65 -8.41 0.02
CA GLU A 20 -2.06 -9.73 -0.46
C GLU A 20 -2.59 -10.58 0.68
N GLU A 21 -1.95 -10.47 1.84
CA GLU A 21 -2.36 -11.24 3.01
C GLU A 21 -3.70 -10.74 3.55
N ALA A 22 -3.95 -9.44 3.38
CA ALA A 22 -5.19 -8.83 3.85
C ALA A 22 -6.38 -9.28 3.01
N ALA A 23 -6.12 -9.52 1.73
CA ALA A 23 -7.16 -9.96 0.81
C ALA A 23 -7.70 -11.34 1.20
N LYS A 24 -6.83 -12.15 1.79
CA LYS A 24 -7.22 -13.49 2.22
C LYS A 24 -8.28 -13.44 3.32
N LEU A 25 -8.21 -12.40 4.15
CA LEU A 25 -9.15 -12.23 5.24
C LEU A 25 -10.51 -11.75 4.71
N LEU A 26 -10.47 -10.99 3.62
CA LEU A 26 -11.70 -10.47 3.01
C LEU A 26 -12.42 -11.56 2.22
N GLU A 27 -11.65 -12.54 1.76
CA GLU A 27 -12.23 -13.64 0.98
C GLU A 27 -12.51 -14.85 1.88
N GLY A 28 -11.78 -14.94 2.99
CA GLY A 28 -11.97 -16.04 3.91
C GLY A 28 -13.42 -16.21 4.32
N GLY A 29 -13.98 -15.17 4.93
CA GLY A 29 -15.36 -15.22 5.38
C GLY A 29 -16.32 -15.55 4.25
N GLY A 30 -15.94 -15.18 3.03
CA GLY A 30 -16.78 -15.43 1.88
C GLY A 30 -16.24 -14.81 0.61
N GLY A 31 -15.50 -15.59 -0.17
CA GLY A 31 -14.94 -15.09 -1.40
C GLY A 31 -14.75 -16.16 -2.45
N GLY A 32 -15.85 -16.74 -2.90
CA GLY A 32 -15.78 -17.80 -3.90
C GLY A 32 -16.69 -17.55 -5.08
N GLY A 33 -17.08 -16.29 -5.26
CA GLY A 33 -17.94 -15.93 -6.37
C GLY A 33 -18.45 -14.51 -6.27
N GLY A 34 -18.97 -14.14 -5.11
CA GLY A 34 -19.48 -12.79 -4.91
C GLY A 34 -18.65 -11.99 -3.93
N GLY A 35 -17.41 -12.43 -3.71
CA GLY A 35 -16.54 -11.74 -2.78
C GLY A 35 -15.93 -10.48 -3.39
N GLU A 36 -16.79 -9.49 -3.67
CA GLU A 36 -16.33 -8.24 -4.25
C GLU A 36 -15.21 -7.63 -3.43
N LEU A 37 -15.21 -7.92 -2.13
CA LEU A 37 -14.19 -7.39 -1.23
C LEU A 37 -12.79 -7.68 -1.76
N MET A 38 -12.66 -8.79 -2.49
CA MET A 38 -11.37 -9.17 -3.06
C MET A 38 -10.78 -8.03 -3.88
N LYS A 39 -11.65 -7.23 -4.49
CA LYS A 39 -11.20 -6.11 -5.31
C LYS A 39 -10.77 -4.93 -4.43
N LEU A 40 -11.43 -4.78 -3.29
CA LEU A 40 -11.11 -3.70 -2.35
C LEU A 40 -9.64 -3.75 -1.96
N CYS A 41 -9.15 -4.95 -1.65
CA CYS A 41 -7.75 -5.12 -1.26
C CYS A 41 -6.84 -5.02 -2.47
N GLU A 42 -7.19 -5.70 -3.55
CA GLU A 42 -6.40 -5.69 -4.77
C GLU A 42 -6.18 -4.27 -5.26
N GLU A 43 -7.25 -3.47 -5.25
CA GLU A 43 -7.17 -2.08 -5.70
C GLU A 43 -6.04 -1.35 -4.99
N ALA A 44 -5.98 -1.48 -3.67
CA ALA A 44 -4.95 -0.84 -2.88
C ALA A 44 -3.56 -1.20 -3.38
N ALA A 45 -3.37 -2.47 -3.73
CA ALA A 45 -2.08 -2.95 -4.24
C ALA A 45 -1.87 -2.51 -5.68
N LYS A 46 -2.96 -2.29 -6.40
CA LYS A 46 -2.89 -1.87 -7.80
C LYS A 46 -2.22 -0.51 -7.92
N LYS A 47 -2.68 0.45 -7.12
CA LYS A 47 -2.13 1.80 -7.15
C LYS A 47 -0.61 1.77 -6.94
N ALA A 48 -0.16 0.93 -6.03
CA ALA A 48 1.27 0.80 -5.75
C ALA A 48 2.02 0.30 -6.98
N GLU A 49 1.37 -0.53 -7.77
CA GLU A 49 1.98 -1.08 -8.97
C GLU A 49 2.05 -0.02 -10.08
N GLU A 50 1.06 0.85 -10.12
CA GLU A 50 1.01 1.91 -11.11
C GLU A 50 2.04 3.00 -10.80
N LEU A 51 2.33 3.18 -9.53
CA LEU A 51 3.30 4.19 -9.10
C LEU A 51 4.71 3.79 -9.51
N PHE A 52 4.96 2.48 -9.59
CA PHE A 52 6.27 1.98 -9.98
C PHE A 52 6.70 2.53 -11.34
N LYS A 53 5.72 2.75 -12.21
CA LYS A 53 5.98 3.27 -13.55
C LYS A 53 6.66 4.63 -13.47
N LEU A 54 6.22 5.44 -12.50
CA LEU A 54 6.77 6.78 -12.32
C LEU A 54 8.18 6.71 -11.76
N ALA A 55 8.36 5.92 -10.70
CA ALA A 55 9.67 5.76 -10.08
C ALA A 55 10.66 5.11 -11.03
N GLU A 56 10.14 4.34 -11.99
CA GLU A 56 10.99 3.65 -12.96
C GLU A 56 11.61 4.66 -13.93
N GLU A 57 10.82 5.64 -14.34
CA GLU A 57 11.28 6.66 -15.27
C GLU A 57 12.17 7.68 -14.56
N ARG A 58 11.93 7.87 -13.26
CA ARG A 58 12.71 8.81 -12.48
C ARG A 58 13.96 8.15 -11.92
N LEU A 59 13.79 7.32 -10.90
CA LEU A 59 14.89 6.62 -10.27
C LEU A 59 15.73 5.87 -11.31
N LYS A 60 15.05 5.28 -12.29
CA LYS A 60 15.72 4.54 -13.35
C LYS A 60 15.51 5.22 -14.71
N LYS A 61 16.20 4.71 -15.72
CA LYS A 61 16.09 5.26 -17.07
C LYS A 61 16.32 4.18 -18.12
N LEU A 62 16.20 4.57 -19.39
CA LEU A 62 16.40 3.63 -20.49
C LEU A 62 16.74 4.37 -21.78
N MET B 1 -20.76 -6.89 12.41
CA MET B 1 -20.97 -8.25 12.88
C MET B 1 -19.67 -9.06 12.77
N LYS B 2 -19.19 -9.24 11.55
CA LYS B 2 -17.96 -9.99 11.31
C LYS B 2 -16.76 -9.26 11.90
N LYS B 3 -15.81 -10.03 12.44
CA LYS B 3 -14.61 -9.46 13.02
C LYS B 3 -13.55 -9.19 11.96
N LEU B 4 -13.59 -9.98 10.89
CA LEU B 4 -12.63 -9.83 9.80
C LEU B 4 -12.70 -8.44 9.20
N ARG B 5 -13.90 -7.86 9.20
CA ARG B 5 -14.11 -6.52 8.65
C ARG B 5 -13.47 -5.46 9.54
N GLU B 6 -13.65 -5.61 10.85
CA GLU B 6 -13.09 -4.67 11.81
C GLU B 6 -11.57 -4.60 11.69
N GLU B 7 -10.94 -5.76 11.57
CA GLU B 7 -9.49 -5.83 11.45
C GLU B 7 -9.05 -5.48 10.03
N ALA B 8 -9.87 -5.85 9.06
CA ALA B 8 -9.57 -5.57 7.66
C ALA B 8 -9.22 -4.10 7.45
N ALA B 9 -10.08 -3.22 7.97
CA ALA B 9 -9.87 -1.78 7.85
C ALA B 9 -8.57 -1.35 8.51
N LYS B 10 -8.19 -2.08 9.56
CA LYS B 10 -6.96 -1.77 10.29
C LYS B 10 -5.74 -2.20 9.50
N LEU B 11 -5.87 -3.29 8.76
CA LEU B 11 -4.78 -3.80 7.94
C LEU B 11 -4.29 -2.76 6.95
N PHE B 12 -5.19 -1.90 6.51
CA PHE B 12 -4.86 -0.86 5.56
C PHE B 12 -3.76 0.05 6.11
N GLU B 13 -3.74 0.18 7.43
CA GLU B 13 -2.74 1.01 8.09
C GLU B 13 -1.34 0.40 7.99
N GLU B 14 -1.30 -0.93 7.95
CA GLU B 14 -0.03 -1.65 7.84
C GLU B 14 0.79 -1.12 6.67
N TRP B 15 0.13 -0.95 5.53
CA TRP B 15 0.81 -0.45 4.34
C TRP B 15 1.48 0.89 4.60
N LYS B 16 0.74 1.82 5.19
CA LYS B 16 1.26 3.14 5.50
C LYS B 16 2.33 3.06 6.59
N LYS B 17 2.23 2.03 7.43
CA LYS B 17 3.19 1.83 8.52
C LYS B 17 4.60 1.61 7.97
N LEU B 18 4.71 0.76 6.96
CA LEU B 18 6.00 0.46 6.35
C LEU B 18 6.46 1.61 5.45
N ALA B 19 5.49 2.29 4.84
CA ALA B 19 5.79 3.42 3.96
C ALA B 19 6.43 4.57 4.74
N GLU B 20 5.90 4.84 5.93
CA GLU B 20 6.41 5.91 6.78
C GLU B 20 7.83 5.60 7.23
N GLU B 21 8.07 4.36 7.63
CA GLU B 21 9.38 3.94 8.09
C GLU B 21 10.40 3.99 6.96
N ALA B 22 9.94 3.75 5.74
CA ALA B 22 10.80 3.76 4.57
C ALA B 22 11.28 5.17 4.27
N ALA B 23 10.46 6.16 4.58
CA ALA B 23 10.80 7.56 4.35
C ALA B 23 12.15 7.90 4.96
N LYS B 24 12.48 7.25 6.07
CA LYS B 24 13.75 7.48 6.75
C LYS B 24 14.90 6.85 5.98
N LEU B 25 14.63 5.75 5.31
CA LEU B 25 15.65 5.05 4.52
C LEU B 25 15.95 5.80 3.24
N LEU B 26 14.94 6.45 2.69
CA LEU B 26 15.10 7.21 1.46
C LEU B 26 15.79 8.54 1.72
N GLU B 27 15.67 9.04 2.94
CA GLU B 27 16.29 10.30 3.32
C GLU B 27 17.79 10.12 3.57
N GLY B 28 18.17 8.90 3.95
CA GLY B 28 19.57 8.61 4.21
C GLY B 28 20.47 8.94 3.03
N GLY B 29 19.92 8.84 1.83
CA GLY B 29 20.68 9.13 0.63
C GLY B 29 20.20 10.38 -0.08
N GLY B 30 20.11 11.48 0.67
CA GLY B 30 19.66 12.73 0.08
C GLY B 30 19.74 13.89 1.06
N GLY B 31 18.60 14.53 1.31
CA GLY B 31 18.58 15.66 2.22
C GLY B 31 19.35 16.85 1.69
N GLY B 32 18.64 17.94 1.45
CA GLY B 32 19.29 19.15 0.94
C GLY B 32 18.47 19.84 -0.13
N GLY B 33 17.91 21.00 0.20
CA GLY B 33 17.11 21.74 -0.75
C GLY B 33 15.97 20.91 -1.32
N GLY B 34 14.81 20.97 -0.67
CA GLY B 34 13.66 20.22 -1.12
C GLY B 34 13.87 18.72 -1.02
N GLY B 35 12.96 17.95 -1.60
CA GLY B 35 13.07 16.50 -1.56
C GLY B 35 11.83 15.82 -2.09
N GLU B 36 11.71 15.74 -3.41
CA GLU B 36 10.56 15.11 -4.05
C GLU B 36 10.52 13.61 -3.72
N LEU B 37 11.69 13.02 -3.57
CA LEU B 37 11.81 11.59 -3.26
C LEU B 37 10.98 11.25 -2.03
N MET B 38 10.85 12.20 -1.12
CA MET B 38 10.09 12.00 0.11
C MET B 38 8.59 12.04 -0.17
N LYS B 39 8.19 12.84 -1.16
CA LYS B 39 6.79 12.96 -1.53
C LYS B 39 6.33 11.75 -2.34
N LEU B 40 7.26 11.14 -3.08
CA LEU B 40 6.95 9.99 -3.90
C LEU B 40 6.37 8.86 -3.04
N CYS B 41 7.05 8.55 -1.94
CA CYS B 41 6.59 7.50 -1.04
C CYS B 41 5.30 7.90 -0.33
N GLU B 42 5.23 9.16 0.09
CA GLU B 42 4.05 9.68 0.78
C GLU B 42 2.82 9.63 -0.13
N GLU B 43 3.04 9.83 -1.43
CA GLU B 43 1.96 9.81 -2.40
C GLU B 43 1.20 8.49 -2.34
N ALA B 44 1.94 7.39 -2.21
CA ALA B 44 1.33 6.07 -2.14
C ALA B 44 0.56 5.89 -0.83
N ALA B 45 1.07 6.49 0.24
CA ALA B 45 0.42 6.39 1.54
C ALA B 45 -0.86 7.21 1.58
N LYS B 46 -0.93 8.23 0.73
CA LYS B 46 -2.11 9.09 0.66
C LYS B 46 -3.33 8.31 0.19
N LYS B 47 -3.10 7.31 -0.66
CA LYS B 47 -4.18 6.49 -1.19
C LYS B 47 -4.90 5.75 -0.07
N ALA B 48 -4.14 5.33 0.95
CA ALA B 48 -4.71 4.62 2.08
C ALA B 48 -5.67 5.50 2.86
N GLU B 49 -5.26 6.75 3.09
CA GLU B 49 -6.09 7.71 3.82
C GLU B 49 -7.40 7.97 3.09
N GLU B 50 -7.34 7.94 1.75
CA GLU B 50 -8.52 8.18 0.93
C GLU B 50 -9.36 6.91 0.81
N LEU B 51 -8.70 5.76 0.82
CA LEU B 51 -9.39 4.48 0.71
C LEU B 51 -10.14 4.15 2.00
N PHE B 52 -9.62 4.65 3.12
CA PHE B 52 -10.24 4.40 4.42
C PHE B 52 -11.62 5.04 4.49
N LYS B 53 -11.77 6.18 3.81
CA LYS B 53 -13.04 6.90 3.80
C LYS B 53 -14.11 6.10 3.06
N LEU B 54 -13.73 5.48 1.96
CA LEU B 54 -14.66 4.68 1.17
C LEU B 54 -14.88 3.31 1.81
N ALA B 55 -13.79 2.70 2.27
CA ALA B 55 -13.87 1.39 2.91
C ALA B 55 -14.88 1.39 4.05
N GLU B 56 -15.01 2.54 4.71
CA GLU B 56 -15.94 2.68 5.83
C GLU B 56 -17.37 2.80 5.33
N GLU B 57 -17.54 3.43 4.17
CA GLU B 57 -18.86 3.61 3.59
C GLU B 57 -19.36 2.32 2.94
N ARG B 58 -18.41 1.47 2.53
CA ARG B 58 -18.75 0.20 1.89
C ARG B 58 -18.85 -0.91 2.93
N LEU B 59 -18.00 -0.84 3.95
CA LEU B 59 -17.99 -1.84 5.01
C LEU B 59 -18.84 -1.39 6.20
N LYS B 60 -19.81 -0.52 5.93
CA LYS B 60 -20.69 -0.01 6.98
C LYS B 60 -21.72 0.94 6.40
N LYS B 61 -22.95 0.46 6.24
CA LYS B 61 -24.04 1.28 5.71
C LYS B 61 -24.63 2.19 6.79
N LEU B 62 -23.80 3.07 7.31
CA LEU B 62 -24.23 4.00 8.35
C LEU B 62 -25.31 4.96 7.82
N MET A 1 25.31 8.96 -9.29
CA MET A 1 24.89 7.57 -9.21
C MET A 1 24.36 7.23 -7.83
N LYS A 2 23.20 6.57 -7.79
CA LYS A 2 22.57 6.20 -6.52
C LYS A 2 23.04 4.81 -6.08
N LYS A 3 23.03 4.58 -4.77
CA LYS A 3 23.44 3.30 -4.22
C LYS A 3 22.29 2.62 -3.49
N LEU A 4 21.42 3.42 -2.89
CA LEU A 4 20.26 2.89 -2.17
C LEU A 4 19.00 3.00 -3.00
N ARG A 5 19.16 2.99 -4.32
CA ARG A 5 18.01 3.09 -5.23
C ARG A 5 17.19 1.81 -5.21
N GLU A 6 17.85 0.68 -5.39
CA GLU A 6 17.18 -0.62 -5.40
C GLU A 6 16.48 -0.87 -4.07
N GLU A 7 17.15 -0.50 -2.98
CA GLU A 7 16.59 -0.69 -1.65
C GLU A 7 15.25 0.02 -1.51
N ALA A 8 15.25 1.33 -1.79
CA ALA A 8 14.04 2.13 -1.69
C ALA A 8 12.99 1.65 -2.70
N ALA A 9 13.43 1.31 -3.90
CA ALA A 9 12.54 0.83 -4.95
C ALA A 9 11.88 -0.48 -4.55
N LYS A 10 12.59 -1.28 -3.76
CA LYS A 10 12.07 -2.57 -3.31
C LYS A 10 11.03 -2.37 -2.21
N LEU A 11 11.22 -1.34 -1.40
CA LEU A 11 10.29 -1.04 -0.30
C LEU A 11 8.85 -0.97 -0.82
N PHE A 12 8.69 -0.55 -2.06
CA PHE A 12 7.37 -0.44 -2.67
C PHE A 12 6.64 -1.78 -2.64
N GLU A 13 7.41 -2.86 -2.70
CA GLU A 13 6.84 -4.20 -2.69
C GLU A 13 6.23 -4.51 -1.32
N GLU A 14 6.85 -4.01 -0.27
CA GLU A 14 6.38 -4.23 1.09
C GLU A 14 4.90 -3.86 1.22
N TRP A 15 4.55 -2.67 0.75
CA TRP A 15 3.18 -2.20 0.81
C TRP A 15 2.23 -3.22 0.20
N LYS A 16 2.59 -3.73 -0.97
CA LYS A 16 1.77 -4.72 -1.66
C LYS A 16 1.66 -6.00 -0.84
N LYS A 17 2.72 -6.34 -0.11
CA LYS A 17 2.73 -7.53 0.72
C LYS A 17 1.58 -7.53 1.70
N LEU A 18 1.36 -6.39 2.36
CA LEU A 18 0.28 -6.27 3.33
C LEU A 18 -1.07 -6.13 2.63
N ALA A 19 -1.06 -5.52 1.44
CA ALA A 19 -2.27 -5.33 0.68
C ALA A 19 -2.89 -6.66 0.29
N GLU A 20 -2.06 -7.60 -0.14
CA GLU A 20 -2.53 -8.92 -0.54
C GLU A 20 -3.03 -9.71 0.67
N GLU A 21 -2.39 -9.49 1.81
CA GLU A 21 -2.76 -10.18 3.05
C GLU A 21 -4.07 -9.63 3.60
N ALA A 22 -4.33 -8.35 3.35
CA ALA A 22 -5.54 -7.71 3.82
C ALA A 22 -6.75 -8.17 3.02
N ALA A 23 -6.53 -8.51 1.76
CA ALA A 23 -7.60 -8.97 0.88
C ALA A 23 -7.97 -10.41 1.20
N LYS A 24 -6.98 -11.20 1.62
CA LYS A 24 -7.20 -12.60 1.96
C LYS A 24 -7.95 -12.73 3.27
N LEU A 25 -7.71 -11.80 4.19
CA LEU A 25 -8.37 -11.82 5.49
C LEU A 25 -9.85 -11.44 5.36
N LEU A 26 -10.16 -10.59 4.40
CA LEU A 26 -11.53 -10.15 4.16
C LEU A 26 -12.31 -11.22 3.40
N GLU A 27 -11.60 -12.01 2.60
CA GLU A 27 -12.22 -13.06 1.81
C GLU A 27 -12.49 -14.30 2.66
N GLY A 28 -11.71 -14.46 3.72
CA GLY A 28 -11.87 -15.60 4.60
C GLY A 28 -10.72 -16.58 4.52
N GLY A 29 -10.44 -17.06 3.31
CA GLY A 29 -9.36 -18.01 3.11
C GLY A 29 -9.12 -18.33 1.65
N GLY A 30 -10.21 -18.48 0.89
CA GLY A 30 -10.09 -18.78 -0.51
C GLY A 30 -10.16 -17.55 -1.39
N GLY A 31 -10.19 -17.75 -2.70
CA GLY A 31 -10.26 -16.63 -3.62
C GLY A 31 -10.79 -17.04 -4.99
N GLY A 32 -11.46 -16.11 -5.66
CA GLY A 32 -12.00 -16.40 -6.97
C GLY A 32 -12.75 -15.21 -7.57
N GLY A 33 -13.74 -15.49 -8.41
CA GLY A 33 -14.51 -14.43 -9.03
C GLY A 33 -15.80 -14.14 -8.28
N GLY A 34 -16.37 -12.97 -8.51
CA GLY A 34 -17.60 -12.59 -7.86
C GLY A 34 -17.36 -11.79 -6.59
N GLY A 35 -16.55 -12.34 -5.68
CA GLY A 35 -16.26 -11.67 -4.43
C GLY A 35 -15.74 -10.27 -4.65
N GLU A 36 -16.55 -9.28 -4.29
CA GLU A 36 -16.18 -7.88 -4.45
C GLU A 36 -15.24 -7.43 -3.33
N LEU A 37 -15.41 -8.04 -2.15
CA LEU A 37 -14.59 -7.71 -1.00
C LEU A 37 -13.11 -7.79 -1.35
N MET A 38 -12.77 -8.66 -2.29
CA MET A 38 -11.39 -8.84 -2.72
C MET A 38 -10.94 -7.69 -3.61
N LYS A 39 -11.87 -7.18 -4.42
CA LYS A 39 -11.56 -6.07 -5.32
C LYS A 39 -11.41 -4.77 -4.54
N LEU A 40 -12.15 -4.64 -3.45
CA LEU A 40 -12.08 -3.44 -2.62
C LEU A 40 -10.66 -3.19 -2.14
N CYS A 41 -10.05 -4.22 -1.57
CA CYS A 41 -8.68 -4.11 -1.06
C CYS A 41 -7.68 -4.13 -2.20
N GLU A 42 -8.02 -4.84 -3.27
CA GLU A 42 -7.15 -4.93 -4.43
C GLU A 42 -6.94 -3.55 -5.07
N GLU A 43 -7.95 -2.71 -4.97
CA GLU A 43 -7.88 -1.37 -5.54
C GLU A 43 -6.66 -0.61 -5.01
N ALA A 44 -6.49 -0.64 -3.69
CA ALA A 44 -5.37 0.04 -3.06
C ALA A 44 -4.04 -0.48 -3.59
N ALA A 45 -3.95 -1.79 -3.78
CA ALA A 45 -2.73 -2.41 -4.29
C ALA A 45 -2.53 -2.09 -5.77
N LYS A 46 -3.63 -1.83 -6.47
CA LYS A 46 -3.56 -1.50 -7.89
C LYS A 46 -2.82 -0.20 -8.12
N LYS A 47 -3.03 0.77 -7.22
CA LYS A 47 -2.38 2.07 -7.34
C LYS A 47 -0.85 1.92 -7.27
N ALA A 48 -0.39 1.05 -6.38
CA ALA A 48 1.04 0.81 -6.22
C ALA A 48 1.65 0.32 -7.53
N GLU A 49 0.88 -0.45 -8.28
CA GLU A 49 1.35 -1.00 -9.55
C GLU A 49 1.48 0.11 -10.60
N GLU A 50 0.60 1.10 -10.52
CA GLU A 50 0.61 2.21 -11.46
C GLU A 50 1.68 3.24 -11.07
N LEU A 51 1.93 3.37 -9.78
CA LEU A 51 2.93 4.30 -9.27
C LEU A 51 4.34 3.82 -9.60
N PHE A 52 4.51 2.50 -9.66
CA PHE A 52 5.81 1.92 -9.96
C PHE A 52 6.35 2.44 -11.29
N LYS A 53 5.45 2.70 -12.23
CA LYS A 53 5.83 3.20 -13.54
C LYS A 53 6.51 4.57 -13.43
N LEU A 54 5.89 5.48 -12.69
CA LEU A 54 6.44 6.81 -12.50
C LEU A 54 7.72 6.76 -11.68
N ALA A 55 7.71 5.96 -10.61
CA ALA A 55 8.87 5.83 -9.75
C ALA A 55 10.10 5.40 -10.54
N GLU A 56 9.86 4.74 -11.67
CA GLU A 56 10.96 4.27 -12.53
C GLU A 56 11.81 5.44 -13.00
N GLU A 57 11.16 6.51 -13.43
CA GLU A 57 11.85 7.70 -13.91
C GLU A 57 12.41 8.51 -12.75
N ARG A 58 11.76 8.40 -11.59
CA ARG A 58 12.18 9.12 -10.40
C ARG A 58 13.51 8.60 -9.89
N LEU A 59 13.73 7.29 -10.04
CA LEU A 59 14.97 6.67 -9.58
C LEU A 59 15.94 6.46 -10.76
N LYS A 60 15.39 6.37 -11.97
CA LYS A 60 16.19 6.19 -13.16
C LYS A 60 16.95 4.85 -13.11
N LYS A 61 17.41 4.40 -14.26
CA LYS A 61 18.15 3.14 -14.34
C LYS A 61 19.41 3.19 -13.50
N LEU A 62 19.49 2.31 -12.49
CA LEU A 62 20.64 2.26 -11.61
C LEU A 62 20.96 3.65 -11.03
N MET B 1 -15.74 -9.54 20.41
CA MET B 1 -15.05 -10.43 19.49
C MET B 1 -14.95 -9.81 18.10
N LYS B 2 -13.84 -10.05 17.42
CA LYS B 2 -13.62 -9.52 16.09
C LYS B 2 -14.71 -9.97 15.13
N LYS B 3 -15.10 -9.09 14.22
CA LYS B 3 -16.13 -9.40 13.24
C LYS B 3 -15.55 -9.44 11.83
N LEU B 4 -14.26 -9.73 11.72
CA LEU B 4 -13.59 -9.80 10.44
C LEU B 4 -13.43 -8.41 9.83
N ARG B 5 -14.55 -7.81 9.43
CA ARG B 5 -14.53 -6.48 8.83
C ARG B 5 -13.79 -5.49 9.74
N GLU B 6 -13.83 -5.74 11.04
CA GLU B 6 -13.17 -4.87 12.01
C GLU B 6 -11.65 -4.96 11.86
N GLU B 7 -11.15 -6.17 11.64
CA GLU B 7 -9.72 -6.38 11.49
C GLU B 7 -9.24 -5.90 10.11
N ALA B 8 -10.00 -6.24 9.08
CA ALA B 8 -9.67 -5.85 7.72
C ALA B 8 -9.55 -4.33 7.61
N ALA B 9 -10.48 -3.62 8.22
CA ALA B 9 -10.47 -2.16 8.18
C ALA B 9 -9.17 -1.60 8.74
N LYS B 10 -8.64 -2.27 9.77
CA LYS B 10 -7.40 -1.84 10.40
C LYS B 10 -6.21 -2.11 9.49
N LEU B 11 -6.29 -3.18 8.71
CA LEU B 11 -5.22 -3.56 7.79
C LEU B 11 -4.87 -2.39 6.87
N PHE B 12 -5.87 -1.57 6.55
CA PHE B 12 -5.66 -0.41 5.68
C PHE B 12 -4.58 0.51 6.25
N GLU B 13 -4.52 0.60 7.58
CA GLU B 13 -3.54 1.45 8.24
C GLU B 13 -2.14 0.85 8.13
N GLU B 14 -2.07 -0.48 8.10
CA GLU B 14 -0.79 -1.18 8.01
C GLU B 14 0.01 -0.67 6.82
N TRP B 15 -0.68 -0.42 5.71
CA TRP B 15 -0.02 0.06 4.49
C TRP B 15 0.72 1.38 4.77
N LYS B 16 0.02 2.32 5.39
CA LYS B 16 0.62 3.62 5.70
C LYS B 16 1.74 3.47 6.73
N LYS B 17 1.65 2.42 7.54
CA LYS B 17 2.66 2.16 8.56
C LYS B 17 4.03 1.96 7.94
N LEU B 18 4.10 1.10 6.92
CA LEU B 18 5.37 0.84 6.23
C LEU B 18 5.74 2.00 5.32
N ALA B 19 4.73 2.68 4.80
CA ALA B 19 4.96 3.82 3.90
C ALA B 19 5.72 4.93 4.61
N GLU B 20 5.33 5.22 5.85
CA GLU B 20 5.98 6.26 6.63
C GLU B 20 7.40 5.86 6.99
N GLU B 21 7.60 4.59 7.31
CA GLU B 21 8.92 4.08 7.67
C GLU B 21 9.82 4.01 6.45
N ALA B 22 9.22 3.77 5.29
CA ALA B 22 9.97 3.67 4.04
C ALA B 22 10.43 5.05 3.56
N ALA B 23 9.61 6.06 3.86
CA ALA B 23 9.93 7.43 3.46
C ALA B 23 11.30 7.85 3.97
N LYS B 24 11.69 7.32 5.13
CA LYS B 24 12.98 7.64 5.72
C LYS B 24 14.12 7.04 4.90
N LEU B 25 13.89 5.85 4.36
CA LEU B 25 14.90 5.17 3.55
C LEU B 25 15.14 5.93 2.24
N LEU B 26 14.08 6.52 1.70
CA LEU B 26 14.18 7.27 0.46
C LEU B 26 15.02 8.53 0.65
N GLU B 27 14.79 9.23 1.76
CA GLU B 27 15.54 10.45 2.05
C GLU B 27 16.68 10.16 3.02
N GLY B 28 17.06 8.89 3.12
CA GLY B 28 18.15 8.51 4.01
C GLY B 28 19.47 9.17 3.63
N GLY B 29 19.61 9.49 2.36
CA GLY B 29 20.84 10.12 1.89
C GLY B 29 20.66 10.85 0.57
N GLY B 30 19.42 11.25 0.29
CA GLY B 30 19.13 11.95 -0.94
C GLY B 30 18.79 13.42 -0.72
N GLY B 31 18.36 13.73 0.50
CA GLY B 31 18.01 15.11 0.82
C GLY B 31 19.11 16.09 0.47
N GLY B 32 18.84 16.96 -0.50
CA GLY B 32 19.83 17.94 -0.91
C GLY B 32 19.32 18.84 -2.02
N GLY B 33 18.53 19.84 -1.67
CA GLY B 33 18.00 20.76 -2.66
C GLY B 33 16.67 20.30 -3.20
N GLY B 34 15.72 20.04 -2.31
CA GLY B 34 14.40 19.60 -2.73
C GLY B 34 13.94 18.36 -1.98
N GLY B 35 13.92 17.23 -2.69
CA GLY B 35 13.50 15.98 -2.07
C GLY B 35 12.14 15.52 -2.57
N GLU B 36 12.07 15.14 -3.83
CA GLU B 36 10.82 14.67 -4.42
C GLU B 36 10.51 13.24 -4.00
N LEU B 37 11.57 12.46 -3.78
CA LEU B 37 11.41 11.06 -3.37
C LEU B 37 10.49 10.95 -2.16
N MET B 38 10.47 11.99 -1.33
CA MET B 38 9.62 12.00 -0.15
C MET B 38 8.16 12.24 -0.52
N LYS B 39 7.95 13.08 -1.53
CA LYS B 39 6.59 13.39 -1.99
C LYS B 39 5.96 12.18 -2.69
N LEU B 40 6.79 11.40 -3.36
CA LEU B 40 6.32 10.21 -4.07
C LEU B 40 5.87 9.13 -3.08
N CYS B 41 6.57 9.04 -1.95
CA CYS B 41 6.26 8.06 -0.93
C CYS B 41 5.00 8.44 -0.17
N GLU B 42 4.91 9.72 0.20
CA GLU B 42 3.75 10.23 0.93
C GLU B 42 2.49 10.16 0.08
N GLU B 43 2.66 10.27 -1.23
CA GLU B 43 1.52 10.20 -2.15
C GLU B 43 0.82 8.85 -2.06
N ALA B 44 1.60 7.78 -2.14
CA ALA B 44 1.05 6.44 -2.07
C ALA B 44 0.27 6.23 -0.78
N ALA B 45 0.79 6.76 0.32
CA ALA B 45 0.13 6.64 1.62
C ALA B 45 -1.11 7.51 1.69
N LYS B 46 -1.10 8.61 0.93
CA LYS B 46 -2.23 9.54 0.91
C LYS B 46 -3.47 8.87 0.33
N LYS B 47 -3.26 8.01 -0.67
CA LYS B 47 -4.36 7.31 -1.31
C LYS B 47 -5.13 6.47 -0.30
N ALA B 48 -4.41 5.91 0.67
CA ALA B 48 -5.03 5.09 1.70
C ALA B 48 -6.01 5.89 2.54
N GLU B 49 -5.72 7.18 2.72
CA GLU B 49 -6.57 8.06 3.51
C GLU B 49 -7.87 8.37 2.75
N GLU B 50 -7.76 8.44 1.43
CA GLU B 50 -8.93 8.73 0.59
C GLU B 50 -9.78 7.48 0.40
N LEU B 51 -9.12 6.32 0.38
CA LEU B 51 -9.81 5.05 0.19
C LEU B 51 -10.58 4.66 1.45
N PHE B 52 -10.05 5.05 2.60
CA PHE B 52 -10.69 4.74 3.88
C PHE B 52 -12.07 5.38 3.97
N LYS B 53 -12.21 6.55 3.36
CA LYS B 53 -13.49 7.27 3.37
C LYS B 53 -14.57 6.47 2.64
N LEU B 54 -14.21 5.87 1.51
CA LEU B 54 -15.13 5.08 0.72
C LEU B 54 -15.35 3.71 1.36
N ALA B 55 -14.26 3.07 1.76
CA ALA B 55 -14.33 1.75 2.38
C ALA B 55 -15.24 1.77 3.61
N GLU B 56 -15.39 2.95 4.21
CA GLU B 56 -16.22 3.10 5.39
C GLU B 56 -17.65 2.62 5.11
N GLU B 57 -18.23 3.12 4.02
CA GLU B 57 -19.59 2.74 3.64
C GLU B 57 -19.61 1.37 2.99
N ARG B 58 -18.49 0.98 2.39
CA ARG B 58 -18.38 -0.32 1.73
C ARG B 58 -18.47 -1.45 2.75
N LEU B 59 -17.89 -1.24 3.92
CA LEU B 59 -17.90 -2.24 4.98
C LEU B 59 -18.52 -1.68 6.25
N LYS B 60 -19.37 -0.66 6.10
CA LYS B 60 -20.03 -0.04 7.24
C LYS B 60 -20.81 -1.07 8.04
N LYS B 61 -20.52 -1.16 9.34
CA LYS B 61 -21.19 -2.10 10.21
C LYS B 61 -22.70 -1.96 10.09
N LEU B 62 -23.19 -0.72 10.12
CA LEU B 62 -24.62 -0.46 10.01
C LEU B 62 -24.90 0.61 8.97
N MET A 1 20.15 -2.54 -2.28
CA MET A 1 20.83 -1.91 -1.16
C MET A 1 22.26 -1.52 -1.55
N LYS A 2 22.48 -1.28 -2.83
CA LYS A 2 23.79 -0.90 -3.32
C LYS A 2 23.81 0.55 -3.78
N LYS A 3 22.79 0.94 -4.55
CA LYS A 3 22.69 2.30 -5.05
C LYS A 3 21.49 3.02 -4.43
N LEU A 4 21.04 2.51 -3.28
CA LEU A 4 19.90 3.11 -2.58
C LEU A 4 18.61 2.84 -3.33
N ARG A 5 18.47 3.45 -4.51
CA ARG A 5 17.27 3.27 -5.31
C ARG A 5 16.96 1.78 -5.52
N GLU A 6 18.01 0.98 -5.57
CA GLU A 6 17.86 -0.46 -5.76
C GLU A 6 16.92 -1.06 -4.71
N GLU A 7 17.19 -0.74 -3.45
CA GLU A 7 16.37 -1.22 -2.35
C GLU A 7 15.00 -0.55 -2.33
N ALA A 8 14.99 0.73 -2.68
CA ALA A 8 13.74 1.50 -2.70
C ALA A 8 12.68 0.79 -3.54
N ALA A 9 13.12 0.12 -4.61
CA ALA A 9 12.21 -0.60 -5.48
C ALA A 9 11.64 -1.83 -4.79
N LYS A 10 12.44 -2.44 -3.93
CA LYS A 10 12.01 -3.62 -3.20
C LYS A 10 10.99 -3.27 -2.12
N LEU A 11 11.14 -2.08 -1.55
CA LEU A 11 10.24 -1.62 -0.50
C LEU A 11 8.78 -1.70 -0.96
N PHE A 12 8.56 -1.50 -2.25
CA PHE A 12 7.22 -1.56 -2.82
C PHE A 12 6.60 -2.93 -2.63
N GLU A 13 7.45 -3.96 -2.57
CA GLU A 13 6.99 -5.33 -2.39
C GLU A 13 6.50 -5.55 -0.95
N GLU A 14 7.15 -4.87 -0.01
CA GLU A 14 6.78 -4.99 1.39
C GLU A 14 5.29 -4.72 1.59
N TRP A 15 4.79 -3.66 0.99
CA TRP A 15 3.39 -3.30 1.09
C TRP A 15 2.50 -4.40 0.54
N LYS A 16 2.79 -4.86 -0.66
CA LYS A 16 2.02 -5.91 -1.30
C LYS A 16 2.03 -7.18 -0.45
N LYS A 17 3.13 -7.41 0.25
CA LYS A 17 3.26 -8.58 1.11
C LYS A 17 2.11 -8.66 2.11
N LEU A 18 1.87 -7.56 2.82
CA LEU A 18 0.80 -7.50 3.81
C LEU A 18 -0.56 -7.43 3.12
N ALA A 19 -0.59 -6.85 1.93
CA ALA A 19 -1.84 -6.73 1.17
C ALA A 19 -2.37 -8.10 0.75
N GLU A 20 -1.45 -8.97 0.31
CA GLU A 20 -1.84 -10.31 -0.13
C GLU A 20 -2.39 -11.12 1.04
N GLU A 21 -1.70 -11.05 2.18
CA GLU A 21 -2.11 -11.79 3.37
C GLU A 21 -3.43 -11.24 3.90
N ALA A 22 -3.65 -9.94 3.71
CA ALA A 22 -4.87 -9.29 4.18
C ALA A 22 -6.07 -9.73 3.35
N ALA A 23 -5.83 -10.02 2.07
CA ALA A 23 -6.90 -10.45 1.18
C ALA A 23 -7.56 -11.73 1.68
N LYS A 24 -6.77 -12.58 2.34
CA LYS A 24 -7.28 -13.84 2.87
C LYS A 24 -8.29 -13.59 3.98
N LEU A 25 -7.99 -12.61 4.83
CA LEU A 25 -8.88 -12.27 5.94
C LEU A 25 -10.22 -11.75 5.43
N LEU A 26 -10.18 -11.01 4.32
CA LEU A 26 -11.39 -10.45 3.73
C LEU A 26 -12.28 -11.55 3.17
N GLU A 27 -11.65 -12.57 2.59
CA GLU A 27 -12.39 -13.69 2.01
C GLU A 27 -12.43 -14.87 2.99
N GLY A 28 -12.11 -14.60 4.25
CA GLY A 28 -12.11 -15.65 5.25
C GLY A 28 -13.49 -16.27 5.44
N GLY A 29 -14.53 -15.47 5.24
CA GLY A 29 -15.88 -15.95 5.40
C GLY A 29 -16.58 -16.20 4.07
N GLY A 30 -16.06 -15.58 3.02
CA GLY A 30 -16.65 -15.75 1.70
C GLY A 30 -16.28 -17.07 1.07
N GLY A 31 -16.39 -17.14 -0.26
CA GLY A 31 -16.06 -18.36 -0.98
C GLY A 31 -14.71 -18.29 -1.65
N GLY A 32 -14.50 -19.17 -2.64
CA GLY A 32 -13.24 -19.17 -3.36
C GLY A 32 -13.30 -18.39 -4.65
N GLY A 33 -14.45 -18.41 -5.30
CA GLY A 33 -14.62 -17.70 -6.54
C GLY A 33 -15.85 -16.81 -6.56
N GLY A 34 -15.75 -15.65 -5.91
CA GLY A 34 -16.87 -14.74 -5.85
C GLY A 34 -16.83 -13.84 -4.63
N GLY A 35 -16.52 -12.57 -4.84
CA GLY A 35 -16.44 -11.62 -3.74
C GLY A 35 -15.76 -10.33 -4.12
N GLU A 36 -16.46 -9.22 -3.90
CA GLU A 36 -15.91 -7.91 -4.23
C GLU A 36 -14.82 -7.50 -3.25
N LEU A 37 -14.96 -7.95 -1.99
CA LEU A 37 -13.99 -7.63 -0.96
C LEU A 37 -12.58 -8.04 -1.39
N MET A 38 -12.49 -9.09 -2.19
CA MET A 38 -11.20 -9.56 -2.68
C MET A 38 -10.60 -8.59 -3.68
N LYS A 39 -11.45 -7.91 -4.44
CA LYS A 39 -11.01 -6.94 -5.42
C LYS A 39 -10.56 -5.65 -4.76
N LEU A 40 -11.32 -5.20 -3.77
CA LEU A 40 -11.00 -3.98 -3.04
C LEU A 40 -9.62 -4.07 -2.40
N CYS A 41 -9.23 -5.30 -2.04
CA CYS A 41 -7.93 -5.52 -1.41
C CYS A 41 -6.80 -5.45 -2.44
N GLU A 42 -6.98 -6.16 -3.55
CA GLU A 42 -5.99 -6.18 -4.61
C GLU A 42 -5.83 -4.80 -5.24
N GLU A 43 -6.92 -4.04 -5.25
CA GLU A 43 -6.90 -2.70 -5.83
C GLU A 43 -5.79 -1.86 -5.20
N ALA A 44 -5.55 -2.06 -3.91
CA ALA A 44 -4.52 -1.32 -3.20
C ALA A 44 -3.13 -1.69 -3.71
N ALA A 45 -2.86 -2.99 -3.80
CA ALA A 45 -1.57 -3.47 -4.28
C ALA A 45 -1.37 -3.13 -5.75
N LYS A 46 -2.48 -2.97 -6.47
CA LYS A 46 -2.41 -2.65 -7.89
C LYS A 46 -1.74 -1.30 -8.11
N LYS A 47 -2.09 -0.33 -7.27
CA LYS A 47 -1.51 1.01 -7.37
C LYS A 47 0.01 0.97 -7.29
N ALA A 48 0.52 -0.03 -6.58
CA ALA A 48 1.96 -0.19 -6.43
C ALA A 48 2.62 -0.58 -7.75
N GLU A 49 1.97 -1.47 -8.49
CA GLU A 49 2.49 -1.92 -9.77
C GLU A 49 2.38 -0.82 -10.82
N GLU A 50 1.33 0.00 -10.71
CA GLU A 50 1.11 1.10 -11.64
C GLU A 50 2.15 2.19 -11.44
N LEU A 51 2.59 2.37 -10.20
CA LEU A 51 3.59 3.38 -9.89
C LEU A 51 4.97 2.99 -10.42
N PHE A 52 5.21 1.69 -10.52
CA PHE A 52 6.48 1.18 -11.01
C PHE A 52 6.81 1.78 -12.38
N LYS A 53 5.78 2.03 -13.17
CA LYS A 53 5.94 2.61 -14.50
C LYS A 53 6.63 3.96 -14.42
N LEU A 54 6.10 4.84 -13.58
CA LEU A 54 6.66 6.18 -13.41
C LEU A 54 7.99 6.12 -12.67
N ALA A 55 8.05 5.26 -11.65
CA ALA A 55 9.26 5.11 -10.85
C ALA A 55 10.43 4.64 -11.72
N GLU A 56 10.12 3.87 -12.76
CA GLU A 56 11.14 3.36 -13.65
C GLU A 56 11.85 4.49 -14.39
N GLU A 57 11.07 5.41 -14.95
CA GLU A 57 11.62 6.54 -15.68
C GLU A 57 12.17 7.59 -14.72
N ARG A 58 11.60 7.64 -13.52
CA ARG A 58 12.04 8.60 -12.51
C ARG A 58 13.35 8.16 -11.87
N LEU A 59 13.27 7.15 -11.01
CA LEU A 59 14.46 6.63 -10.33
C LEU A 59 15.52 6.21 -11.34
N LYS A 60 15.08 5.84 -12.54
CA LYS A 60 15.99 5.42 -13.59
C LYS A 60 16.87 4.26 -13.12
N LYS A 61 16.32 3.05 -13.20
CA LYS A 61 17.05 1.86 -12.79
C LYS A 61 18.34 1.70 -13.61
N LEU A 62 19.44 1.43 -12.90
CA LEU A 62 20.73 1.25 -13.57
C LEU A 62 21.10 2.48 -14.38
N MET B 1 -21.14 -5.50 16.97
CA MET B 1 -20.25 -4.44 16.50
C MET B 1 -19.30 -4.95 15.42
N LYS B 2 -19.82 -5.85 14.58
CA LYS B 2 -19.01 -6.42 13.50
C LYS B 2 -17.84 -7.23 14.07
N LYS B 3 -17.27 -8.09 13.23
CA LYS B 3 -16.13 -8.91 13.65
C LYS B 3 -15.10 -9.02 12.53
N LEU B 4 -15.58 -9.22 11.30
CA LEU B 4 -14.70 -9.32 10.14
C LEU B 4 -14.46 -7.97 9.50
N ARG B 5 -15.48 -7.11 9.54
CA ARG B 5 -15.38 -5.77 8.96
C ARG B 5 -14.37 -4.92 9.74
N GLU B 6 -14.40 -5.04 11.07
CA GLU B 6 -13.49 -4.28 11.92
C GLU B 6 -12.06 -4.77 11.76
N GLU B 7 -11.90 -6.06 11.47
CA GLU B 7 -10.58 -6.65 11.29
C GLU B 7 -9.95 -6.20 9.98
N ALA B 8 -10.69 -6.37 8.89
CA ALA B 8 -10.21 -5.99 7.57
C ALA B 8 -9.75 -4.53 7.56
N ALA B 9 -10.58 -3.66 8.11
CA ALA B 9 -10.25 -2.23 8.16
C ALA B 9 -8.91 -2.00 8.86
N LYS B 10 -8.57 -2.89 9.78
CA LYS B 10 -7.31 -2.79 10.52
C LYS B 10 -6.13 -3.19 9.64
N LEU B 11 -6.35 -4.22 8.81
CA LEU B 11 -5.30 -4.70 7.92
C LEU B 11 -4.79 -3.59 7.02
N PHE B 12 -5.68 -2.66 6.67
CA PHE B 12 -5.31 -1.54 5.81
C PHE B 12 -4.24 -0.68 6.48
N GLU B 13 -4.35 -0.51 7.79
CA GLU B 13 -3.39 0.29 8.54
C GLU B 13 -2.00 -0.33 8.49
N GLU B 14 -1.95 -1.66 8.43
CA GLU B 14 -0.68 -2.37 8.38
C GLU B 14 0.19 -1.86 7.24
N TRP B 15 -0.41 -1.66 6.08
CA TRP B 15 0.31 -1.17 4.91
C TRP B 15 0.98 0.17 5.22
N LYS B 16 0.23 1.08 5.84
CA LYS B 16 0.76 2.39 6.18
C LYS B 16 1.95 2.26 7.13
N LYS B 17 1.95 1.21 7.93
CA LYS B 17 3.03 0.97 8.88
C LYS B 17 4.37 0.83 8.17
N LEU B 18 4.41 -0.03 7.15
CA LEU B 18 5.63 -0.25 6.39
C LEU B 18 5.96 0.98 5.54
N ALA B 19 4.94 1.68 5.10
CA ALA B 19 5.11 2.87 4.28
C ALA B 19 5.95 3.92 5.01
N GLU B 20 5.62 4.14 6.28
CA GLU B 20 6.33 5.12 7.10
C GLU B 20 7.80 4.73 7.25
N GLU B 21 8.05 3.45 7.50
CA GLU B 21 9.40 2.96 7.67
C GLU B 21 10.21 3.10 6.38
N ALA B 22 9.52 3.02 5.25
CA ALA B 22 10.16 3.14 3.95
C ALA B 22 10.64 4.58 3.71
N ALA B 23 9.91 5.53 4.28
CA ALA B 23 10.25 6.94 4.12
C ALA B 23 11.70 7.21 4.55
N LYS B 24 12.18 6.41 5.51
CA LYS B 24 13.54 6.56 6.01
C LYS B 24 14.55 6.08 4.97
N LEU B 25 14.16 5.10 4.17
CA LEU B 25 15.03 4.57 3.13
C LEU B 25 15.16 5.53 1.97
N LEU B 26 14.09 6.29 1.71
CA LEU B 26 14.08 7.27 0.63
C LEU B 26 14.83 8.53 1.03
N GLU B 27 14.85 8.82 2.32
CA GLU B 27 15.53 10.01 2.84
C GLU B 27 17.03 9.77 2.92
N GLY B 28 17.43 8.52 3.09
CA GLY B 28 18.84 8.19 3.18
C GLY B 28 19.60 8.60 1.94
N GLY B 29 18.90 8.70 0.81
CA GLY B 29 19.54 9.09 -0.43
C GLY B 29 19.44 10.58 -0.70
N GLY B 30 20.23 11.36 0.03
CA GLY B 30 20.21 12.80 -0.15
C GLY B 30 19.34 13.50 0.88
N GLY B 31 18.64 14.54 0.45
CA GLY B 31 17.77 15.28 1.36
C GLY B 31 17.98 16.79 1.26
N GLY B 32 17.29 17.40 0.30
CA GLY B 32 17.41 18.84 0.12
C GLY B 32 16.23 19.60 0.71
N GLY B 33 15.94 20.77 0.15
CA GLY B 33 14.84 21.58 0.63
C GLY B 33 13.49 21.03 0.22
N GLY B 34 13.48 20.21 -0.83
CA GLY B 34 12.24 19.64 -1.31
C GLY B 34 12.08 18.19 -0.90
N GLY B 35 12.75 17.29 -1.62
CA GLY B 35 12.66 15.88 -1.32
C GLY B 35 11.41 15.24 -1.89
N GLU B 36 11.40 15.06 -3.21
CA GLU B 36 10.25 14.47 -3.89
C GLU B 36 10.19 12.96 -3.62
N LEU B 37 11.36 12.36 -3.39
CA LEU B 37 11.43 10.93 -3.11
C LEU B 37 10.63 10.56 -1.88
N MET B 38 10.52 11.50 -0.94
CA MET B 38 9.76 11.28 0.28
C MET B 38 8.27 11.17 -0.01
N LYS B 39 7.76 12.08 -0.84
CA LYS B 39 6.36 12.09 -1.20
C LYS B 39 6.04 10.99 -2.22
N LEU B 40 7.04 10.65 -3.04
CA LEU B 40 6.88 9.62 -4.06
C LEU B 40 6.42 8.31 -3.43
N CYS B 41 7.10 7.91 -2.35
CA CYS B 41 6.78 6.67 -1.66
C CYS B 41 5.49 6.82 -0.85
N GLU B 42 5.32 7.98 -0.23
CA GLU B 42 4.13 8.25 0.58
C GLU B 42 2.88 8.23 -0.28
N GLU B 43 3.03 8.60 -1.55
CA GLU B 43 1.90 8.63 -2.48
C GLU B 43 1.18 7.27 -2.50
N ALA B 44 1.97 6.19 -2.42
CA ALA B 44 1.42 4.85 -2.43
C ALA B 44 0.54 4.60 -1.20
N ALA B 45 1.06 4.98 -0.03
CA ALA B 45 0.33 4.80 1.22
C ALA B 45 -0.89 5.72 1.28
N LYS B 46 -0.81 6.84 0.57
CA LYS B 46 -1.90 7.81 0.56
C LYS B 46 -3.17 7.19 -0.01
N LYS B 47 -3.01 6.37 -1.05
CA LYS B 47 -4.14 5.71 -1.69
C LYS B 47 -4.89 4.85 -0.68
N ALA B 48 -4.17 4.28 0.28
CA ALA B 48 -4.77 3.43 1.30
C ALA B 48 -5.78 4.22 2.14
N GLU B 49 -5.39 5.45 2.51
CA GLU B 49 -6.26 6.30 3.32
C GLU B 49 -7.45 6.79 2.50
N GLU B 50 -7.23 6.99 1.21
CA GLU B 50 -8.29 7.46 0.32
C GLU B 50 -9.33 6.37 0.08
N LEU B 51 -8.88 5.12 0.13
CA LEU B 51 -9.76 3.97 -0.08
C LEU B 51 -10.72 3.81 1.09
N PHE B 52 -10.28 4.23 2.28
CA PHE B 52 -11.10 4.13 3.47
C PHE B 52 -12.45 4.83 3.27
N LYS B 53 -12.45 5.90 2.50
CA LYS B 53 -13.66 6.65 2.23
C LYS B 53 -14.70 5.78 1.54
N LEU B 54 -14.28 5.04 0.52
CA LEU B 54 -15.17 4.16 -0.21
C LEU B 54 -15.45 2.88 0.58
N ALA B 55 -14.42 2.37 1.23
CA ALA B 55 -14.55 1.15 2.03
C ALA B 55 -15.61 1.30 3.11
N GLU B 56 -15.83 2.54 3.54
CA GLU B 56 -16.82 2.83 4.57
C GLU B 56 -18.23 2.48 4.08
N GLU B 57 -18.53 2.86 2.84
CA GLU B 57 -19.84 2.59 2.26
C GLU B 57 -19.94 1.13 1.81
N ARG B 58 -18.81 0.54 1.49
CA ARG B 58 -18.77 -0.85 1.05
C ARG B 58 -19.10 -1.79 2.20
N LEU B 59 -18.71 -1.41 3.41
CA LEU B 59 -18.97 -2.22 4.59
C LEU B 59 -20.19 -1.72 5.34
N LYS B 60 -20.48 -0.43 5.20
CA LYS B 60 -21.62 0.19 5.86
C LYS B 60 -22.62 0.73 4.84
N LYS B 61 -23.76 0.06 4.72
CA LYS B 61 -24.79 0.47 3.78
C LYS B 61 -25.88 1.27 4.49
N LEU B 62 -26.67 0.59 5.31
CA LEU B 62 -27.75 1.23 6.05
C LEU B 62 -27.75 0.79 7.51
N MET A 1 25.99 -5.34 -3.38
CA MET A 1 25.60 -4.66 -2.16
C MET A 1 24.49 -3.65 -2.43
N LYS A 2 23.59 -3.48 -1.47
CA LYS A 2 22.48 -2.55 -1.61
C LYS A 2 22.98 -1.11 -1.70
N LYS A 3 22.38 -0.34 -2.60
CA LYS A 3 22.76 1.05 -2.79
C LYS A 3 21.62 1.99 -2.43
N LEU A 4 20.74 1.53 -1.55
CA LEU A 4 19.60 2.32 -1.12
C LEU A 4 18.57 2.45 -2.24
N ARG A 5 18.94 3.18 -3.29
CA ARG A 5 18.05 3.39 -4.43
C ARG A 5 17.53 2.05 -4.96
N GLU A 6 18.41 1.06 -5.00
CA GLU A 6 18.04 -0.27 -5.48
C GLU A 6 17.06 -0.95 -4.53
N GLU A 7 17.25 -0.70 -3.22
CA GLU A 7 16.39 -1.29 -2.21
C GLU A 7 15.02 -0.62 -2.21
N ALA A 8 15.00 0.68 -2.49
CA ALA A 8 13.76 1.45 -2.51
C ALA A 8 12.72 0.76 -3.39
N ALA A 9 13.15 0.30 -4.56
CA ALA A 9 12.25 -0.37 -5.49
C ALA A 9 11.66 -1.63 -4.89
N LYS A 10 12.47 -2.31 -4.07
CA LYS A 10 12.03 -3.54 -3.42
C LYS A 10 11.04 -3.23 -2.28
N LEU A 11 11.24 -2.09 -1.64
CA LEU A 11 10.38 -1.68 -0.53
C LEU A 11 8.91 -1.69 -0.95
N PHE A 12 8.67 -1.43 -2.23
CA PHE A 12 7.31 -1.41 -2.77
C PHE A 12 6.59 -2.72 -2.48
N GLU A 13 7.37 -3.80 -2.38
CA GLU A 13 6.81 -5.12 -2.12
C GLU A 13 6.32 -5.22 -0.67
N GLU A 14 7.02 -4.54 0.23
CA GLU A 14 6.66 -4.54 1.64
C GLU A 14 5.19 -4.20 1.84
N TRP A 15 4.74 -3.16 1.15
CA TRP A 15 3.35 -2.73 1.24
C TRP A 15 2.39 -3.84 0.83
N LYS A 16 2.66 -4.44 -0.33
CA LYS A 16 1.82 -5.52 -0.83
C LYS A 16 1.67 -6.62 0.22
N LYS A 17 2.68 -6.77 1.06
CA LYS A 17 2.65 -7.78 2.11
C LYS A 17 1.40 -7.63 2.99
N LEU A 18 1.18 -6.41 3.47
CA LEU A 18 0.02 -6.13 4.32
C LEU A 18 -1.26 -6.09 3.49
N ALA A 19 -1.14 -5.63 2.25
CA ALA A 19 -2.28 -5.53 1.35
C ALA A 19 -2.88 -6.92 1.07
N GLU A 20 -1.99 -7.89 0.83
CA GLU A 20 -2.43 -9.25 0.54
C GLU A 20 -3.09 -9.89 1.77
N GLU A 21 -2.54 -9.58 2.95
CA GLU A 21 -3.07 -10.12 4.19
C GLU A 21 -4.44 -9.52 4.50
N ALA A 22 -4.64 -8.27 4.11
CA ALA A 22 -5.90 -7.58 4.35
C ALA A 22 -7.03 -8.18 3.50
N ALA A 23 -6.66 -8.69 2.33
CA ALA A 23 -7.64 -9.30 1.43
C ALA A 23 -8.02 -10.70 1.91
N LYS A 24 -7.08 -11.39 2.52
CA LYS A 24 -7.33 -12.74 3.03
C LYS A 24 -8.24 -12.71 4.25
N LEU A 25 -8.11 -11.65 5.05
CA LEU A 25 -8.92 -11.50 6.25
C LEU A 25 -10.34 -11.09 5.90
N LEU A 26 -10.49 -10.35 4.81
CA LEU A 26 -11.80 -9.90 4.36
C LEU A 26 -12.54 -11.01 3.63
N GLU A 27 -11.79 -11.94 3.04
CA GLU A 27 -12.38 -13.05 2.32
C GLU A 27 -12.52 -14.28 3.22
N GLY A 28 -11.67 -14.35 4.24
CA GLY A 28 -11.72 -15.47 5.16
C GLY A 28 -10.49 -16.36 5.06
N GLY A 29 -10.19 -16.81 3.85
CA GLY A 29 -9.04 -17.67 3.65
C GLY A 29 -9.03 -18.31 2.27
N GLY A 30 -10.03 -19.15 2.00
CA GLY A 30 -10.11 -19.82 0.73
C GLY A 30 -11.03 -19.12 -0.24
N GLY A 31 -10.48 -18.19 -1.03
CA GLY A 31 -11.27 -17.45 -1.98
C GLY A 31 -10.59 -17.32 -3.33
N GLY A 32 -11.34 -16.88 -4.34
CA GLY A 32 -10.80 -16.72 -5.66
C GLY A 32 -11.84 -16.83 -6.75
N GLY A 33 -12.21 -15.69 -7.33
CA GLY A 33 -13.21 -15.68 -8.37
C GLY A 33 -14.63 -15.76 -7.84
N GLY A 34 -15.13 -14.64 -7.31
CA GLY A 34 -16.47 -14.62 -6.77
C GLY A 34 -16.54 -13.85 -5.46
N GLY A 35 -16.23 -12.55 -5.53
CA GLY A 35 -16.28 -11.72 -4.33
C GLY A 35 -15.91 -10.28 -4.62
N GLU A 36 -16.73 -9.35 -4.14
CA GLU A 36 -16.49 -7.93 -4.35
C GLU A 36 -15.50 -7.39 -3.32
N LEU A 37 -15.73 -7.73 -2.05
CA LEU A 37 -14.86 -7.28 -0.98
C LEU A 37 -13.40 -7.66 -1.25
N MET A 38 -13.22 -8.81 -1.89
CA MET A 38 -11.88 -9.30 -2.22
C MET A 38 -11.31 -8.54 -3.40
N LYS A 39 -12.18 -8.07 -4.28
CA LYS A 39 -11.76 -7.31 -5.47
C LYS A 39 -11.37 -5.90 -5.09
N LEU A 40 -12.04 -5.34 -4.09
CA LEU A 40 -11.76 -3.98 -3.64
C LEU A 40 -10.37 -3.88 -3.02
N CYS A 41 -9.96 -4.95 -2.32
CA CYS A 41 -8.66 -4.99 -1.68
C CYS A 41 -7.54 -5.07 -2.72
N GLU A 42 -7.74 -5.90 -3.74
CA GLU A 42 -6.75 -6.06 -4.79
C GLU A 42 -6.57 -4.76 -5.57
N GLU A 43 -7.62 -3.96 -5.65
CA GLU A 43 -7.58 -2.70 -6.37
C GLU A 43 -6.49 -1.79 -5.80
N ALA A 44 -6.45 -1.69 -4.47
CA ALA A 44 -5.45 -0.86 -3.80
C ALA A 44 -4.04 -1.33 -4.11
N ALA A 45 -3.83 -2.64 -4.05
CA ALA A 45 -2.52 -3.22 -4.33
C ALA A 45 -2.16 -3.08 -5.81
N LYS A 46 -3.19 -3.05 -6.65
CA LYS A 46 -2.97 -2.92 -8.09
C LYS A 46 -2.31 -1.59 -8.43
N LYS A 47 -2.56 -0.58 -7.60
CA LYS A 47 -1.99 0.75 -7.81
C LYS A 47 -0.46 0.69 -7.74
N ALA A 48 0.06 -0.21 -6.92
CA ALA A 48 1.50 -0.36 -6.77
C ALA A 48 2.13 -0.90 -8.04
N GLU A 49 1.34 -1.64 -8.82
CA GLU A 49 1.83 -2.21 -10.07
C GLU A 49 2.02 -1.12 -11.13
N GLU A 50 1.16 -0.11 -11.09
CA GLU A 50 1.23 0.99 -12.04
C GLU A 50 2.33 1.97 -11.66
N LEU A 51 2.61 2.07 -10.36
CA LEU A 51 3.64 2.98 -9.87
C LEU A 51 5.02 2.43 -10.18
N PHE A 52 5.15 1.12 -10.27
CA PHE A 52 6.42 0.48 -10.56
C PHE A 52 6.97 0.96 -11.90
N LYS A 53 6.07 1.25 -12.84
CA LYS A 53 6.48 1.73 -14.16
C LYS A 53 7.22 3.05 -14.05
N LEU A 54 6.66 3.99 -13.30
CA LEU A 54 7.28 5.30 -13.12
C LEU A 54 8.43 5.23 -12.13
N ALA A 55 8.36 4.25 -11.22
CA ALA A 55 9.40 4.07 -10.22
C ALA A 55 10.73 3.68 -10.86
N GLU A 56 10.65 3.09 -12.05
CA GLU A 56 11.85 2.67 -12.77
C GLU A 56 12.55 3.87 -13.40
N GLU A 57 11.78 4.87 -13.78
CA GLU A 57 12.32 6.07 -14.41
C GLU A 57 12.95 6.99 -13.36
N ARG A 58 12.50 6.84 -12.11
CA ARG A 58 13.01 7.65 -11.01
C ARG A 58 14.44 7.27 -10.67
N LEU A 59 14.60 6.15 -9.97
CA LEU A 59 15.92 5.67 -9.58
C LEU A 59 16.16 4.25 -10.08
N LYS A 60 15.29 3.80 -10.97
CA LYS A 60 15.41 2.46 -11.53
C LYS A 60 15.52 1.41 -10.43
N LYS A 61 15.85 0.18 -10.82
CA LYS A 61 15.99 -0.91 -9.87
C LYS A 61 17.42 -1.43 -9.85
N LEU A 62 17.99 -1.64 -11.03
CA LEU A 62 19.36 -2.13 -11.15
C LEU A 62 19.54 -3.43 -10.38
N MET B 1 -16.93 -5.16 18.05
CA MET B 1 -17.82 -6.30 18.17
C MET B 1 -17.36 -7.45 17.29
N LYS B 2 -17.20 -7.17 15.99
CA LYS B 2 -16.77 -8.17 15.04
C LYS B 2 -15.26 -8.43 15.17
N LYS B 3 -14.83 -9.60 14.69
CA LYS B 3 -13.42 -9.97 14.74
C LYS B 3 -12.89 -10.30 13.36
N LEU B 4 -13.49 -9.70 12.34
CA LEU B 4 -13.07 -9.93 10.96
C LEU B 4 -13.18 -8.66 10.13
N ARG B 5 -14.37 -8.07 10.12
CA ARG B 5 -14.61 -6.84 9.36
C ARG B 5 -13.77 -5.70 9.91
N GLU B 6 -13.87 -5.48 11.22
CA GLU B 6 -13.11 -4.41 11.88
C GLU B 6 -11.62 -4.62 11.71
N GLU B 7 -11.20 -5.88 11.65
CA GLU B 7 -9.79 -6.21 11.50
C GLU B 7 -9.29 -5.83 10.10
N ALA B 8 -10.08 -6.17 9.08
CA ALA B 8 -9.71 -5.87 7.71
C ALA B 8 -9.62 -4.36 7.48
N ALA B 9 -10.68 -3.65 7.87
CA ALA B 9 -10.72 -2.20 7.71
C ALA B 9 -9.54 -1.54 8.43
N LYS B 10 -9.07 -2.17 9.49
CA LYS B 10 -7.94 -1.65 10.26
C LYS B 10 -6.63 -1.88 9.52
N LEU B 11 -6.55 -2.98 8.78
CA LEU B 11 -5.35 -3.31 8.02
C LEU B 11 -5.06 -2.24 6.97
N PHE B 12 -6.11 -1.63 6.45
CA PHE B 12 -5.97 -0.60 5.44
C PHE B 12 -5.06 0.52 5.93
N GLU B 13 -5.19 0.88 7.21
CA GLU B 13 -4.38 1.94 7.79
C GLU B 13 -2.94 1.47 8.00
N GLU B 14 -2.79 0.19 8.35
CA GLU B 14 -1.47 -0.38 8.59
C GLU B 14 -0.57 -0.17 7.37
N TRP B 15 -1.18 -0.03 6.20
CA TRP B 15 -0.44 0.17 4.97
C TRP B 15 0.42 1.43 5.04
N LYS B 16 -0.15 2.49 5.60
CA LYS B 16 0.56 3.76 5.74
C LYS B 16 1.71 3.63 6.72
N LYS B 17 1.65 2.62 7.58
CA LYS B 17 2.69 2.39 8.57
C LYS B 17 4.02 2.08 7.90
N LEU B 18 4.00 1.13 6.97
CA LEU B 18 5.20 0.74 6.23
C LEU B 18 5.56 1.78 5.19
N ALA B 19 4.55 2.43 4.62
CA ALA B 19 4.76 3.45 3.60
C ALA B 19 5.60 4.60 4.15
N GLU B 20 5.26 5.04 5.37
CA GLU B 20 5.98 6.13 6.00
C GLU B 20 7.40 5.72 6.38
N GLU B 21 7.56 4.44 6.70
CA GLU B 21 8.87 3.91 7.08
C GLU B 21 9.78 3.78 5.86
N ALA B 22 9.17 3.51 4.71
CA ALA B 22 9.93 3.35 3.47
C ALA B 22 10.47 4.70 2.99
N ALA B 23 9.74 5.77 3.29
CA ALA B 23 10.15 7.10 2.89
C ALA B 23 11.48 7.49 3.54
N LYS B 24 11.71 6.98 4.75
CA LYS B 24 12.94 7.27 5.47
C LYS B 24 14.15 6.70 4.74
N LEU B 25 13.96 5.57 4.08
CA LEU B 25 15.04 4.92 3.34
C LEU B 25 15.33 5.67 2.04
N LEU B 26 14.30 6.29 1.47
CA LEU B 26 14.44 7.05 0.23
C LEU B 26 15.11 8.38 0.49
N GLU B 27 14.99 8.89 1.71
CA GLU B 27 15.58 10.16 2.08
C GLU B 27 16.93 9.95 2.78
N GLY B 28 17.08 8.79 3.40
CA GLY B 28 18.32 8.48 4.10
C GLY B 28 19.53 8.54 3.18
N GLY B 29 19.30 8.36 1.88
CA GLY B 29 20.38 8.39 0.92
C GLY B 29 20.73 9.80 0.49
N GLY B 30 19.76 10.71 0.57
CA GLY B 30 20.00 12.09 0.17
C GLY B 30 18.73 12.79 -0.27
N GLY B 31 18.02 13.39 0.67
CA GLY B 31 16.80 14.09 0.36
C GLY B 31 16.20 14.80 1.56
N GLY B 32 16.94 15.77 2.09
CA GLY B 32 16.47 16.51 3.25
C GLY B 32 15.29 17.40 2.92
N GLY B 33 15.57 18.66 2.58
CA GLY B 33 14.52 19.60 2.25
C GLY B 33 13.83 19.25 0.95
N GLY B 34 14.53 19.46 -0.17
CA GLY B 34 13.95 19.16 -1.47
C GLY B 34 14.07 17.70 -1.83
N GLY B 35 13.04 16.93 -1.48
CA GLY B 35 13.04 15.50 -1.78
C GLY B 35 11.69 15.00 -2.21
N GLU B 36 11.52 14.80 -3.51
CA GLU B 36 10.25 14.32 -4.05
C GLU B 36 10.02 12.86 -3.68
N LEU B 37 11.11 12.12 -3.48
CA LEU B 37 11.02 10.71 -3.12
C LEU B 37 10.28 10.53 -1.80
N MET B 38 10.38 11.54 -0.94
CA MET B 38 9.72 11.49 0.36
C MET B 38 8.19 11.58 0.20
N LYS B 39 7.75 12.48 -0.66
CA LYS B 39 6.32 12.66 -0.90
C LYS B 39 5.79 11.56 -1.82
N LEU B 40 6.65 11.05 -2.69
CA LEU B 40 6.26 10.00 -3.61
C LEU B 40 5.78 8.76 -2.86
N CYS B 41 6.44 8.45 -1.75
CA CYS B 41 6.07 7.30 -0.94
C CYS B 41 4.71 7.50 -0.29
N GLU B 42 4.53 8.65 0.36
CA GLU B 42 3.27 8.96 1.02
C GLU B 42 2.12 9.01 0.03
N GLU B 43 2.44 9.37 -1.22
CA GLU B 43 1.43 9.45 -2.27
C GLU B 43 0.67 8.14 -2.39
N ALA B 44 1.35 7.03 -2.12
CA ALA B 44 0.75 5.72 -2.21
C ALA B 44 -0.28 5.52 -1.10
N ALA B 45 0.04 5.97 0.10
CA ALA B 45 -0.86 5.86 1.24
C ALA B 45 -2.02 6.85 1.14
N LYS B 46 -1.78 7.95 0.43
CA LYS B 46 -2.80 8.98 0.25
C LYS B 46 -4.09 8.37 -0.31
N LYS B 47 -3.95 7.56 -1.35
CA LYS B 47 -5.09 6.92 -1.99
C LYS B 47 -5.91 6.12 -0.97
N ALA B 48 -5.22 5.57 0.02
CA ALA B 48 -5.87 4.80 1.07
C ALA B 48 -6.67 5.69 2.01
N GLU B 49 -6.24 6.95 2.12
CA GLU B 49 -6.90 7.90 3.00
C GLU B 49 -8.22 8.37 2.38
N GLU B 50 -8.25 8.46 1.05
CA GLU B 50 -9.45 8.89 0.34
C GLU B 50 -10.43 7.74 0.17
N LEU B 51 -9.89 6.53 0.00
CA LEU B 51 -10.72 5.35 -0.17
C LEU B 51 -11.34 4.90 1.16
N PHE B 52 -10.63 5.19 2.25
CA PHE B 52 -11.10 4.83 3.58
C PHE B 52 -12.52 5.33 3.81
N LYS B 53 -12.84 6.48 3.22
CA LYS B 53 -14.17 7.07 3.36
C LYS B 53 -15.24 6.10 2.86
N LEU B 54 -15.06 5.61 1.65
CA LEU B 54 -16.02 4.67 1.06
C LEU B 54 -15.84 3.27 1.64
N ALA B 55 -14.63 2.97 2.09
CA ALA B 55 -14.34 1.67 2.68
C ALA B 55 -15.09 1.47 4.00
N GLU B 56 -15.45 2.57 4.63
CA GLU B 56 -16.18 2.52 5.90
C GLU B 56 -17.63 2.11 5.68
N GLU B 57 -18.31 2.81 4.78
CA GLU B 57 -19.71 2.51 4.48
C GLU B 57 -19.85 1.14 3.81
N ARG B 58 -18.76 0.67 3.20
CA ARG B 58 -18.75 -0.62 2.53
C ARG B 58 -19.29 -1.71 3.45
N LEU B 59 -18.48 -2.11 4.42
CA LEU B 59 -18.87 -3.15 5.36
C LEU B 59 -18.95 -2.61 6.78
N LYS B 60 -19.29 -1.32 6.89
CA LYS B 60 -19.40 -0.67 8.19
C LYS B 60 -20.21 0.62 8.08
N LYS B 61 -21.35 0.55 7.41
CA LYS B 61 -22.21 1.71 7.23
C LYS B 61 -22.86 2.11 8.55
N LEU B 62 -23.37 3.34 8.61
CA LEU B 62 -24.01 3.83 9.82
C LEU B 62 -23.03 3.90 10.99
N MET A 1 24.53 -6.55 -4.67
CA MET A 1 23.88 -5.52 -5.45
C MET A 1 22.87 -4.74 -4.61
N LYS A 2 22.52 -3.54 -5.06
CA LYS A 2 21.58 -2.69 -4.36
C LYS A 2 22.13 -2.25 -3.01
N LYS A 3 22.18 -0.94 -2.79
CA LYS A 3 22.70 -0.39 -1.54
C LYS A 3 21.57 0.23 -0.73
N LEU A 4 20.59 0.80 -1.41
CA LEU A 4 19.46 1.42 -0.73
C LEU A 4 18.47 1.99 -1.75
N ARG A 5 18.99 2.52 -2.85
CA ARG A 5 18.14 3.08 -3.89
C ARG A 5 17.22 2.02 -4.49
N GLU A 6 17.82 0.94 -5.00
CA GLU A 6 17.06 -0.14 -5.59
C GLU A 6 16.20 -0.84 -4.55
N GLU A 7 16.63 -0.78 -3.30
CA GLU A 7 15.90 -1.40 -2.20
C GLU A 7 14.54 -0.74 -2.00
N ALA A 8 14.55 0.58 -1.86
CA ALA A 8 13.31 1.33 -1.67
C ALA A 8 12.30 1.02 -2.76
N ALA A 9 12.75 1.07 -4.01
CA ALA A 9 11.88 0.79 -5.14
C ALA A 9 11.18 -0.56 -4.97
N LYS A 10 11.82 -1.48 -4.27
CA LYS A 10 11.27 -2.80 -4.03
C LYS A 10 10.13 -2.73 -3.00
N LEU A 11 10.35 -1.95 -1.95
CA LEU A 11 9.35 -1.80 -0.89
C LEU A 11 8.01 -1.36 -1.46
N PHE A 12 8.07 -0.57 -2.54
CA PHE A 12 6.86 -0.07 -3.18
C PHE A 12 5.98 -1.24 -3.67
N GLU A 13 6.62 -2.20 -4.32
CA GLU A 13 5.90 -3.36 -4.83
C GLU A 13 5.53 -4.32 -3.70
N GLU A 14 6.37 -4.37 -2.67
CA GLU A 14 6.13 -5.24 -1.53
C GLU A 14 4.74 -4.99 -0.94
N TRP A 15 4.23 -3.79 -1.14
CA TRP A 15 2.90 -3.43 -0.63
C TRP A 15 1.83 -4.36 -1.18
N LYS A 16 1.95 -4.69 -2.46
CA LYS A 16 0.99 -5.57 -3.11
C LYS A 16 0.81 -6.86 -2.32
N LYS A 17 1.87 -7.28 -1.64
CA LYS A 17 1.83 -8.50 -0.84
C LYS A 17 0.75 -8.42 0.23
N LEU A 18 0.77 -7.32 1.00
CA LEU A 18 -0.21 -7.12 2.06
C LEU A 18 -1.60 -6.91 1.48
N ALA A 19 -1.66 -6.24 0.33
CA ALA A 19 -2.93 -5.97 -0.34
C ALA A 19 -3.66 -7.27 -0.67
N GLU A 20 -2.92 -8.24 -1.19
CA GLU A 20 -3.49 -9.53 -1.57
C GLU A 20 -3.90 -10.31 -0.32
N GLU A 21 -3.20 -10.09 0.78
CA GLU A 21 -3.48 -10.78 2.02
C GLU A 21 -4.75 -10.22 2.68
N ALA A 22 -4.99 -8.93 2.45
CA ALA A 22 -6.16 -8.28 3.03
C ALA A 22 -7.45 -8.75 2.35
N ALA A 23 -7.34 -9.06 1.06
CA ALA A 23 -8.49 -9.54 0.29
C ALA A 23 -8.90 -10.94 0.73
N LYS A 24 -7.93 -11.72 1.19
CA LYS A 24 -8.18 -13.09 1.63
C LYS A 24 -9.03 -13.09 2.90
N LEU A 25 -8.88 -12.06 3.72
CA LEU A 25 -9.64 -11.94 4.96
C LEU A 25 -11.10 -11.59 4.67
N LEU A 26 -11.32 -10.82 3.62
CA LEU A 26 -12.66 -10.42 3.23
C LEU A 26 -13.39 -11.55 2.51
N GLU A 27 -12.65 -12.31 1.71
CA GLU A 27 -13.23 -13.42 0.96
C GLU A 27 -13.32 -14.67 1.85
N GLY A 28 -12.46 -14.74 2.85
CA GLY A 28 -12.46 -15.89 3.75
C GLY A 28 -11.06 -16.30 4.17
N GLY A 29 -10.38 -17.06 3.32
CA GLY A 29 -9.04 -17.51 3.64
C GLY A 29 -8.35 -18.15 2.45
N GLY A 30 -8.98 -19.18 1.89
CA GLY A 30 -8.41 -19.87 0.74
C GLY A 30 -9.44 -20.18 -0.32
N GLY A 31 -9.66 -19.23 -1.22
CA GLY A 31 -10.64 -19.43 -2.28
C GLY A 31 -12.00 -19.87 -1.76
N GLY A 32 -12.68 -18.96 -1.07
CA GLY A 32 -13.99 -19.28 -0.52
C GLY A 32 -15.10 -19.06 -1.53
N GLY A 33 -15.41 -17.79 -1.79
CA GLY A 33 -16.47 -17.47 -2.74
C GLY A 33 -16.91 -16.02 -2.63
N GLY A 34 -16.53 -15.22 -3.63
CA GLY A 34 -16.90 -13.82 -3.64
C GLY A 34 -15.75 -12.92 -3.28
N GLY A 35 -15.93 -12.08 -2.25
CA GLY A 35 -14.88 -11.18 -1.82
C GLY A 35 -14.86 -9.90 -2.64
N GLU A 36 -15.40 -8.83 -2.07
CA GLU A 36 -15.45 -7.54 -2.75
C GLU A 36 -14.09 -6.86 -2.70
N LEU A 37 -13.34 -7.10 -1.63
CA LEU A 37 -12.02 -6.51 -1.46
C LEU A 37 -11.10 -6.89 -2.61
N MET A 38 -11.34 -8.07 -3.19
CA MET A 38 -10.53 -8.54 -4.30
C MET A 38 -10.45 -7.49 -5.41
N LYS A 39 -11.50 -6.69 -5.54
CA LYS A 39 -11.55 -5.65 -6.55
C LYS A 39 -10.72 -4.44 -6.13
N LEU A 40 -11.01 -3.90 -4.96
CA LEU A 40 -10.29 -2.75 -4.43
C LEU A 40 -8.80 -3.05 -4.31
N CYS A 41 -8.48 -4.33 -4.13
CA CYS A 41 -7.08 -4.75 -3.99
C CYS A 41 -6.34 -4.60 -5.32
N GLU A 42 -7.00 -4.94 -6.41
CA GLU A 42 -6.40 -4.85 -7.73
C GLU A 42 -5.87 -3.44 -7.98
N GLU A 43 -6.64 -2.44 -7.57
CA GLU A 43 -6.25 -1.05 -7.75
C GLU A 43 -4.97 -0.73 -6.98
N ALA A 44 -4.90 -1.24 -5.75
CA ALA A 44 -3.73 -1.01 -4.90
C ALA A 44 -2.53 -1.80 -5.42
N ALA A 45 -2.78 -2.99 -5.94
CA ALA A 45 -1.72 -3.84 -6.47
C ALA A 45 -1.24 -3.33 -7.83
N LYS A 46 -2.11 -2.62 -8.53
CA LYS A 46 -1.78 -2.09 -9.85
C LYS A 46 -0.82 -0.91 -9.73
N LYS A 47 -1.09 -0.03 -8.77
CA LYS A 47 -0.25 1.14 -8.54
C LYS A 47 1.15 0.73 -8.11
N ALA A 48 1.26 -0.45 -7.50
CA ALA A 48 2.55 -0.95 -7.05
C ALA A 48 3.42 -1.37 -8.22
N GLU A 49 2.83 -2.10 -9.15
CA GLU A 49 3.56 -2.57 -10.33
C GLU A 49 3.78 -1.43 -11.32
N GLU A 50 2.82 -0.51 -11.39
CA GLU A 50 2.91 0.63 -12.29
C GLU A 50 3.99 1.61 -11.82
N LEU A 51 4.20 1.67 -10.51
CA LEU A 51 5.19 2.57 -9.95
C LEU A 51 6.60 2.15 -10.35
N PHE A 52 6.78 0.85 -10.60
CA PHE A 52 8.07 0.32 -11.00
C PHE A 52 8.58 1.00 -12.27
N LYS A 53 7.64 1.37 -13.15
CA LYS A 53 7.98 2.02 -14.40
C LYS A 53 8.67 3.36 -14.14
N LEU A 54 8.16 4.10 -13.16
CA LEU A 54 8.72 5.40 -12.82
C LEU A 54 10.02 5.24 -12.02
N ALA A 55 10.07 4.20 -11.20
CA ALA A 55 11.25 3.93 -10.39
C ALA A 55 12.46 3.63 -11.27
N GLU A 56 12.20 3.16 -12.48
CA GLU A 56 13.28 2.83 -13.42
C GLU A 56 13.87 4.10 -14.04
N GLU A 57 13.00 5.04 -14.38
CA GLU A 57 13.43 6.29 -14.98
C GLU A 57 13.98 7.24 -13.92
N ARG A 58 13.59 7.01 -12.67
CA ARG A 58 14.05 7.84 -11.56
C ARG A 58 15.21 7.18 -10.83
N LEU A 59 14.90 6.12 -10.08
CA LEU A 59 15.92 5.40 -9.32
C LEU A 59 16.54 4.30 -10.17
N LYS A 60 16.92 4.63 -11.39
CA LYS A 60 17.53 3.66 -12.30
C LYS A 60 17.82 4.31 -13.66
N LYS A 61 18.17 5.58 -13.65
CA LYS A 61 18.47 6.31 -14.87
C LYS A 61 19.58 5.61 -15.66
N LEU A 62 20.51 5.00 -14.93
CA LEU A 62 21.63 4.28 -15.57
C LEU A 62 22.31 3.36 -14.57
N MET B 1 -13.54 -11.75 19.27
CA MET B 1 -14.22 -10.45 19.17
C MET B 1 -13.87 -9.76 17.86
N LYS B 2 -14.38 -10.30 16.75
CA LYS B 2 -14.12 -9.73 15.44
C LYS B 2 -15.15 -10.22 14.42
N LYS B 3 -15.49 -9.35 13.47
CA LYS B 3 -16.46 -9.70 12.43
C LYS B 3 -15.79 -9.79 11.07
N LEU B 4 -14.48 -10.01 11.07
CA LEU B 4 -13.72 -10.11 9.83
C LEU B 4 -13.60 -8.75 9.14
N ARG B 5 -14.73 -8.25 8.65
CA ARG B 5 -14.75 -6.97 7.97
C ARG B 5 -14.09 -5.88 8.82
N GLU B 6 -14.23 -6.00 10.14
CA GLU B 6 -13.66 -5.04 11.06
C GLU B 6 -12.14 -4.95 10.88
N GLU B 7 -11.48 -6.10 10.79
CA GLU B 7 -10.04 -6.15 10.60
C GLU B 7 -9.66 -5.79 9.17
N ALA B 8 -10.54 -6.12 8.24
CA ALA B 8 -10.30 -5.83 6.83
C ALA B 8 -9.94 -4.37 6.62
N ALA B 9 -10.76 -3.47 7.15
CA ALA B 9 -10.52 -2.04 7.03
C ALA B 9 -9.18 -1.65 7.63
N LYS B 10 -8.77 -2.39 8.66
CA LYS B 10 -7.51 -2.13 9.33
C LYS B 10 -6.33 -2.63 8.50
N LEU B 11 -6.55 -3.71 7.76
CA LEU B 11 -5.51 -4.28 6.91
C LEU B 11 -4.91 -3.23 5.99
N PHE B 12 -5.74 -2.28 5.57
CA PHE B 12 -5.29 -1.21 4.68
C PHE B 12 -4.16 -0.41 5.31
N GLU B 13 -4.16 -0.37 6.64
CA GLU B 13 -3.13 0.36 7.37
C GLU B 13 -1.79 -0.35 7.30
N GLU B 14 -1.83 -1.68 7.20
CA GLU B 14 -0.62 -2.48 7.12
C GLU B 14 0.30 -1.97 6.01
N TRP B 15 -0.31 -1.50 4.93
CA TRP B 15 0.45 -0.98 3.79
C TRP B 15 1.36 0.16 4.22
N LYS B 16 0.84 1.04 5.06
CA LYS B 16 1.60 2.18 5.55
C LYS B 16 2.86 1.72 6.27
N LYS B 17 2.82 0.50 6.82
CA LYS B 17 3.96 -0.05 7.53
C LYS B 17 5.20 -0.10 6.63
N LEU B 18 5.03 -0.68 5.44
CA LEU B 18 6.14 -0.79 4.49
C LEU B 18 6.40 0.55 3.82
N ALA B 19 5.36 1.35 3.66
CA ALA B 19 5.49 2.66 3.04
C ALA B 19 6.49 3.53 3.79
N GLU B 20 6.39 3.56 5.11
CA GLU B 20 7.28 4.35 5.94
C GLU B 20 8.72 3.88 5.78
N GLU B 21 8.89 2.56 5.64
CA GLU B 21 10.22 1.98 5.49
C GLU B 21 10.85 2.40 4.16
N ALA B 22 10.00 2.61 3.15
CA ALA B 22 10.47 3.01 1.83
C ALA B 22 10.87 4.49 1.81
N ALA B 23 10.18 5.28 2.64
CA ALA B 23 10.46 6.71 2.72
C ALA B 23 11.77 6.98 3.44
N LYS B 24 12.06 6.17 4.46
CA LYS B 24 13.29 6.32 5.23
C LYS B 24 14.49 5.82 4.44
N LEU B 25 14.27 4.83 3.58
CA LEU B 25 15.34 4.28 2.76
C LEU B 25 15.76 5.25 1.67
N LEU B 26 14.78 5.91 1.06
CA LEU B 26 15.04 6.88 0.00
C LEU B 26 15.55 8.19 0.58
N GLU B 27 15.21 8.45 1.84
CA GLU B 27 15.63 9.67 2.51
C GLU B 27 17.02 9.52 3.10
N GLY B 28 17.40 8.28 3.41
CA GLY B 28 18.70 8.01 3.98
C GLY B 28 18.64 7.11 5.19
N GLY B 29 18.35 7.70 6.36
CA GLY B 29 18.26 6.92 7.58
C GLY B 29 17.76 7.74 8.74
N GLY B 30 16.73 8.55 8.50
CA GLY B 30 16.16 9.37 9.55
C GLY B 30 14.76 9.84 9.23
N GLY B 31 14.65 10.71 8.23
CA GLY B 31 13.34 11.22 7.83
C GLY B 31 13.15 12.68 8.23
N GLY B 32 12.61 13.47 7.32
CA GLY B 32 12.38 14.88 7.59
C GLY B 32 13.40 15.77 6.92
N GLY B 33 13.24 15.98 5.61
CA GLY B 33 14.16 16.81 4.87
C GLY B 33 13.55 17.35 3.60
N GLY B 34 14.22 17.11 2.47
CA GLY B 34 13.71 17.58 1.19
C GLY B 34 14.02 16.63 0.06
N GLY B 35 12.98 16.23 -0.68
CA GLY B 35 13.15 15.31 -1.78
C GLY B 35 11.83 14.77 -2.31
N GLU B 36 11.74 14.63 -3.62
CA GLU B 36 10.52 14.13 -4.26
C GLU B 36 10.28 12.68 -3.87
N LEU B 37 11.37 11.92 -3.69
CA LEU B 37 11.26 10.51 -3.33
C LEU B 37 10.37 10.33 -2.10
N MET B 38 10.40 11.30 -1.20
CA MET B 38 9.59 11.24 0.01
C MET B 38 8.13 11.57 -0.30
N LYS B 39 7.91 12.44 -1.28
CA LYS B 39 6.56 12.83 -1.67
C LYS B 39 5.89 11.73 -2.51
N LEU B 40 6.71 10.99 -3.26
CA LEU B 40 6.20 9.92 -4.10
C LEU B 40 5.69 8.76 -3.25
N CYS B 41 6.38 8.50 -2.14
CA CYS B 41 6.00 7.42 -1.24
C CYS B 41 4.75 7.79 -0.44
N GLU B 42 4.74 9.01 0.10
CA GLU B 42 3.60 9.48 0.89
C GLU B 42 2.31 9.40 0.08
N GLU B 43 2.41 9.69 -1.22
CA GLU B 43 1.25 9.65 -2.10
C GLU B 43 0.64 8.25 -2.14
N ALA B 44 1.49 7.23 -2.06
CA ALA B 44 1.04 5.85 -2.08
C ALA B 44 0.29 5.49 -0.79
N ALA B 45 0.88 5.86 0.33
CA ALA B 45 0.28 5.58 1.64
C ALA B 45 -0.96 6.44 1.86
N LYS B 46 -1.02 7.59 1.19
CA LYS B 46 -2.15 8.49 1.31
C LYS B 46 -3.43 7.84 0.82
N LYS B 47 -3.31 7.02 -0.23
CA LYS B 47 -4.45 6.34 -0.81
C LYS B 47 -5.17 5.50 0.25
N ALA B 48 -4.41 4.87 1.12
CA ALA B 48 -4.96 4.04 2.19
C ALA B 48 -5.80 4.88 3.15
N GLU B 49 -5.34 6.12 3.39
CA GLU B 49 -6.04 7.02 4.30
C GLU B 49 -7.36 7.50 3.68
N GLU B 50 -7.36 7.65 2.36
CA GLU B 50 -8.55 8.11 1.64
C GLU B 50 -9.52 6.96 1.42
N LEU B 51 -8.97 5.75 1.28
CA LEU B 51 -9.80 4.56 1.06
C LEU B 51 -10.50 4.14 2.34
N PHE B 52 -9.86 4.41 3.47
CA PHE B 52 -10.41 4.05 4.77
C PHE B 52 -11.82 4.63 4.94
N LYS B 53 -12.05 5.81 4.36
CA LYS B 53 -13.34 6.47 4.43
C LYS B 53 -14.43 5.60 3.81
N LEU B 54 -14.20 5.16 2.58
CA LEU B 54 -15.16 4.33 1.87
C LEU B 54 -15.19 2.91 2.46
N ALA B 55 -14.03 2.43 2.88
CA ALA B 55 -13.91 1.10 3.46
C ALA B 55 -14.80 0.96 4.70
N GLU B 56 -15.05 2.08 5.37
CA GLU B 56 -15.87 2.09 6.58
C GLU B 56 -17.35 1.98 6.21
N GLU B 57 -17.73 2.60 5.09
CA GLU B 57 -19.12 2.57 4.63
C GLU B 57 -19.47 1.21 4.06
N ARG B 58 -18.46 0.50 3.57
CA ARG B 58 -18.67 -0.83 2.98
C ARG B 58 -19.17 -1.81 4.04
N LEU B 59 -18.78 -1.59 5.29
CA LEU B 59 -19.19 -2.45 6.39
C LEU B 59 -19.90 -1.65 7.47
N LYS B 60 -20.24 -0.40 7.15
CA LYS B 60 -20.93 0.46 8.10
C LYS B 60 -22.28 -0.13 8.50
N LYS B 61 -22.56 -0.13 9.80
CA LYS B 61 -23.81 -0.66 10.31
C LYS B 61 -25.01 0.03 9.64
N LEU B 62 -26.18 -0.57 9.79
CA LEU B 62 -27.39 -0.02 9.21
C LEU B 62 -28.51 0.09 10.25
N MET A 1 20.49 7.55 -3.91
CA MET A 1 21.31 7.69 -5.10
C MET A 1 21.47 6.34 -5.81
N LYS A 2 21.75 5.29 -5.04
CA LYS A 2 21.92 3.97 -5.59
C LYS A 2 21.93 2.91 -4.49
N LYS A 3 22.57 3.25 -3.37
CA LYS A 3 22.65 2.33 -2.23
C LYS A 3 21.30 2.23 -1.52
N LEU A 4 20.51 3.29 -1.62
CA LEU A 4 19.19 3.32 -0.98
C LEU A 4 18.09 3.06 -2.01
N ARG A 5 18.36 3.38 -3.27
CA ARG A 5 17.39 3.19 -4.34
C ARG A 5 17.04 1.71 -4.49
N GLU A 6 18.01 0.84 -4.15
CA GLU A 6 17.80 -0.59 -4.26
C GLU A 6 16.86 -1.10 -3.17
N GLU A 7 17.02 -0.56 -1.96
CA GLU A 7 16.18 -0.96 -0.83
C GLU A 7 14.77 -0.37 -0.97
N ALA A 8 14.69 0.82 -1.56
CA ALA A 8 13.42 1.49 -1.75
C ALA A 8 12.61 0.82 -2.86
N ALA A 9 13.28 0.49 -3.96
CA ALA A 9 12.63 -0.16 -5.09
C ALA A 9 11.96 -1.46 -4.67
N LYS A 10 12.67 -2.25 -3.86
CA LYS A 10 12.14 -3.52 -3.37
C LYS A 10 11.04 -3.30 -2.34
N LEU A 11 11.17 -2.23 -1.57
CA LEU A 11 10.18 -1.91 -0.55
C LEU A 11 8.77 -1.84 -1.14
N PHE A 12 8.69 -1.45 -2.41
CA PHE A 12 7.41 -1.35 -3.09
C PHE A 12 6.65 -2.66 -3.02
N GLU A 13 7.39 -3.77 -2.98
CA GLU A 13 6.78 -5.09 -2.93
C GLU A 13 6.17 -5.34 -1.56
N GLU A 14 6.81 -4.80 -0.52
CA GLU A 14 6.33 -4.96 0.85
C GLU A 14 4.85 -4.58 0.96
N TRP A 15 4.49 -3.49 0.30
CA TRP A 15 3.10 -3.02 0.32
C TRP A 15 2.15 -4.10 -0.18
N LYS A 16 2.45 -4.66 -1.34
CA LYS A 16 1.62 -5.70 -1.94
C LYS A 16 1.70 -6.98 -1.12
N LYS A 17 2.83 -7.19 -0.44
CA LYS A 17 3.04 -8.38 0.38
C LYS A 17 1.93 -8.51 1.41
N LEU A 18 1.68 -7.44 2.16
CA LEU A 18 0.65 -7.44 3.19
C LEU A 18 -0.74 -7.35 2.56
N ALA A 19 -0.82 -6.64 1.44
CA ALA A 19 -2.09 -6.46 0.74
C ALA A 19 -2.63 -7.80 0.25
N GLU A 20 -1.74 -8.61 -0.31
CA GLU A 20 -2.13 -9.92 -0.82
C GLU A 20 -2.65 -10.82 0.30
N GLU A 21 -1.95 -10.82 1.42
CA GLU A 21 -2.33 -11.63 2.57
C GLU A 21 -3.68 -11.19 3.13
N ALA A 22 -3.95 -9.89 3.01
CA ALA A 22 -5.20 -9.33 3.51
C ALA A 22 -6.39 -9.84 2.70
N ALA A 23 -6.15 -10.09 1.41
CA ALA A 23 -7.21 -10.58 0.53
C ALA A 23 -7.66 -11.99 0.94
N LYS A 24 -6.73 -12.77 1.47
CA LYS A 24 -7.03 -14.12 1.91
C LYS A 24 -7.83 -14.12 3.20
N LEU A 25 -7.57 -13.13 4.05
CA LEU A 25 -8.29 -13.00 5.32
C LEU A 25 -9.72 -12.53 5.10
N LEU A 26 -9.91 -11.72 4.07
CA LEU A 26 -11.24 -11.19 3.75
C LEU A 26 -12.09 -12.26 3.07
N GLU A 27 -11.44 -13.20 2.40
CA GLU A 27 -12.13 -14.27 1.71
C GLU A 27 -12.63 -15.33 2.69
N GLY A 28 -11.93 -15.44 3.82
CA GLY A 28 -12.31 -16.42 4.83
C GLY A 28 -11.60 -17.74 4.65
N GLY A 29 -10.41 -17.70 4.05
CA GLY A 29 -9.64 -18.90 3.84
C GLY A 29 -10.25 -19.80 2.77
N GLY A 30 -10.85 -19.18 1.76
CA GLY A 30 -11.47 -19.94 0.69
C GLY A 30 -12.40 -19.11 -0.16
N GLY A 31 -13.18 -18.24 0.50
CA GLY A 31 -14.11 -17.39 -0.22
C GLY A 31 -15.55 -17.85 -0.08
N GLY A 32 -16.43 -16.93 0.32
CA GLY A 32 -17.82 -17.27 0.48
C GLY A 32 -18.70 -16.06 0.71
N GLY A 33 -19.62 -15.80 -0.22
CA GLY A 33 -20.49 -14.64 -0.10
C GLY A 33 -19.78 -13.34 -0.37
N GLY A 34 -20.38 -12.51 -1.23
CA GLY A 34 -19.78 -11.24 -1.57
C GLY A 34 -19.02 -11.28 -2.88
N GLY A 35 -17.97 -10.46 -2.98
CA GLY A 35 -17.18 -10.43 -4.20
C GLY A 35 -16.41 -9.12 -4.35
N GLU A 36 -17.13 -8.01 -4.31
CA GLU A 36 -16.51 -6.70 -4.45
C GLU A 36 -15.50 -6.46 -3.33
N LEU A 37 -15.78 -7.00 -2.15
CA LEU A 37 -14.89 -6.86 -1.00
C LEU A 37 -13.49 -7.33 -1.33
N MET A 38 -13.38 -8.31 -2.22
CA MET A 38 -12.09 -8.84 -2.63
C MET A 38 -11.38 -7.89 -3.58
N LYS A 39 -12.17 -7.19 -4.39
CA LYS A 39 -11.61 -6.25 -5.35
C LYS A 39 -11.14 -4.98 -4.66
N LEU A 40 -11.80 -4.61 -3.57
CA LEU A 40 -11.44 -3.43 -2.81
C LEU A 40 -9.98 -3.50 -2.34
N CYS A 41 -9.62 -4.62 -1.75
CA CYS A 41 -8.26 -4.82 -1.25
C CYS A 41 -7.28 -5.00 -2.41
N GLU A 42 -7.74 -5.68 -3.46
CA GLU A 42 -6.89 -5.93 -4.63
C GLU A 42 -6.57 -4.62 -5.35
N GLU A 43 -7.50 -3.67 -5.28
CA GLU A 43 -7.32 -2.38 -5.93
C GLU A 43 -6.00 -1.74 -5.51
N ALA A 44 -5.72 -1.78 -4.21
CA ALA A 44 -4.49 -1.21 -3.67
C ALA A 44 -3.27 -1.89 -4.26
N ALA A 45 -3.26 -3.22 -4.25
CA ALA A 45 -2.16 -3.98 -4.79
C ALA A 45 -1.99 -3.75 -6.29
N LYS A 46 -3.09 -3.40 -6.94
CA LYS A 46 -3.08 -3.15 -8.38
C LYS A 46 -2.35 -1.84 -8.69
N LYS A 47 -2.53 -0.85 -7.82
CA LYS A 47 -1.89 0.45 -8.01
C LYS A 47 -0.38 0.34 -7.83
N ALA A 48 0.05 -0.59 -6.98
CA ALA A 48 1.47 -0.80 -6.73
C ALA A 48 2.15 -1.44 -7.94
N GLU A 49 1.40 -2.22 -8.70
CA GLU A 49 1.93 -2.89 -9.88
C GLU A 49 2.20 -1.89 -11.00
N GLU A 50 1.36 -0.85 -11.07
CA GLU A 50 1.51 0.18 -12.09
C GLU A 50 2.58 1.20 -11.69
N LEU A 51 2.69 1.44 -10.39
CA LEU A 51 3.66 2.40 -9.87
C LEU A 51 5.09 1.93 -10.14
N PHE A 52 5.27 0.61 -10.16
CA PHE A 52 6.58 0.02 -10.40
C PHE A 52 7.12 0.43 -11.77
N LYS A 53 6.21 0.60 -12.73
CA LYS A 53 6.59 1.00 -14.09
C LYS A 53 7.08 2.44 -14.11
N LEU A 54 6.39 3.31 -13.38
CA LEU A 54 6.75 4.72 -13.32
C LEU A 54 8.01 4.91 -12.46
N ALA A 55 8.11 4.15 -11.39
CA ALA A 55 9.27 4.24 -10.50
C ALA A 55 10.52 3.68 -11.16
N GLU A 56 10.33 2.73 -12.08
CA GLU A 56 11.44 2.10 -12.78
C GLU A 56 12.18 3.13 -13.65
N GLU A 57 11.41 3.93 -14.38
CA GLU A 57 11.98 4.95 -15.25
C GLU A 57 12.44 6.15 -14.45
N ARG A 58 11.81 6.37 -13.30
CA ARG A 58 12.16 7.49 -12.44
C ARG A 58 13.45 7.21 -11.67
N LEU A 59 13.35 6.35 -10.65
CA LEU A 59 14.52 6.00 -9.84
C LEU A 59 15.64 5.45 -10.71
N LYS A 60 15.27 4.84 -11.84
CA LYS A 60 16.26 4.27 -12.76
C LYS A 60 17.14 3.25 -12.05
N LYS A 61 16.67 2.01 -12.02
CA LYS A 61 17.42 0.93 -11.38
C LYS A 61 18.68 0.60 -12.17
N LEU A 62 18.64 0.85 -13.48
CA LEU A 62 19.78 0.58 -14.34
C LEU A 62 20.16 -0.90 -14.30
N MET B 1 -22.51 -6.70 13.24
CA MET B 1 -21.64 -6.96 14.38
C MET B 1 -20.69 -8.12 14.08
N LYS B 2 -20.04 -8.07 12.92
CA LYS B 2 -19.10 -9.11 12.52
C LYS B 2 -17.68 -8.77 12.98
N LYS B 3 -16.89 -9.80 13.27
CA LYS B 3 -15.52 -9.61 13.71
C LYS B 3 -14.57 -9.49 12.52
N LEU B 4 -14.87 -10.23 11.46
CA LEU B 4 -14.05 -10.21 10.25
C LEU B 4 -13.93 -8.80 9.70
N ARG B 5 -14.95 -7.98 9.94
CA ARG B 5 -14.95 -6.61 9.46
C ARG B 5 -13.73 -5.84 9.97
N GLU B 6 -13.52 -5.89 11.28
CA GLU B 6 -12.39 -5.20 11.90
C GLU B 6 -11.08 -5.92 11.58
N GLU B 7 -11.18 -7.23 11.36
CA GLU B 7 -10.01 -8.04 11.05
C GLU B 7 -9.34 -7.57 9.77
N ALA B 8 -10.11 -7.56 8.68
CA ALA B 8 -9.60 -7.12 7.39
C ALA B 8 -9.11 -5.67 7.45
N ALA B 9 -9.88 -4.82 8.11
CA ALA B 9 -9.53 -3.42 8.24
C ALA B 9 -8.15 -3.25 8.86
N LYS B 10 -7.80 -4.18 9.75
CA LYS B 10 -6.50 -4.14 10.42
C LYS B 10 -5.36 -4.18 9.41
N LEU B 11 -5.53 -5.01 8.38
CA LEU B 11 -4.52 -5.16 7.34
C LEU B 11 -4.31 -3.84 6.60
N PHE B 12 -5.37 -3.05 6.51
CA PHE B 12 -5.31 -1.76 5.82
C PHE B 12 -4.19 -0.89 6.39
N GLU B 13 -4.17 -0.77 7.71
CA GLU B 13 -3.16 0.04 8.39
C GLU B 13 -1.78 -0.63 8.30
N GLU B 14 -1.77 -1.96 8.37
CA GLU B 14 -0.53 -2.71 8.28
C GLU B 14 0.30 -2.30 7.07
N TRP B 15 -0.34 -2.32 5.90
CA TRP B 15 0.33 -1.95 4.66
C TRP B 15 0.40 -0.43 4.53
N LYS B 16 -0.69 0.24 4.82
CA LYS B 16 -0.75 1.70 4.73
C LYS B 16 0.38 2.34 5.52
N LYS B 17 0.83 1.66 6.57
CA LYS B 17 1.92 2.16 7.40
C LYS B 17 3.26 1.94 6.72
N LEU B 18 3.38 0.82 6.02
CA LEU B 18 4.62 0.48 5.32
C LEU B 18 4.93 1.51 4.22
N ALA B 19 3.87 2.04 3.62
CA ALA B 19 4.02 3.03 2.55
C ALA B 19 4.66 4.30 3.09
N GLU B 20 4.23 4.73 4.26
CA GLU B 20 4.75 5.94 4.88
C GLU B 20 6.19 5.73 5.36
N GLU B 21 6.51 4.49 5.72
CA GLU B 21 7.85 4.16 6.19
C GLU B 21 8.83 4.10 5.04
N ALA B 22 8.34 3.72 3.86
CA ALA B 22 9.18 3.62 2.68
C ALA B 22 9.58 5.00 2.17
N ALA B 23 8.70 5.98 2.39
CA ALA B 23 8.95 7.35 1.95
C ALA B 23 10.06 7.99 2.78
N LYS B 24 10.16 7.58 4.04
CA LYS B 24 11.18 8.11 4.94
C LYS B 24 12.57 7.65 4.51
N LEU B 25 12.66 6.45 3.96
CA LEU B 25 13.93 5.91 3.50
C LEU B 25 14.45 6.67 2.28
N LEU B 26 13.52 7.15 1.45
CA LEU B 26 13.88 7.89 0.26
C LEU B 26 14.37 9.30 0.61
N GLU B 27 13.72 9.90 1.60
CA GLU B 27 14.08 11.25 2.03
C GLU B 27 15.41 11.23 2.79
N GLY B 28 15.71 10.09 3.41
CA GLY B 28 16.95 9.97 4.17
C GLY B 28 17.11 11.06 5.20
N GLY B 29 16.35 10.98 6.29
CA GLY B 29 16.42 11.97 7.34
C GLY B 29 15.07 12.51 7.72
N GLY B 30 14.16 12.60 6.75
CA GLY B 30 12.83 13.10 7.01
C GLY B 30 12.66 14.55 6.59
N GLY B 31 12.29 14.76 5.34
CA GLY B 31 12.11 16.12 4.84
C GLY B 31 12.71 16.32 3.47
N GLY B 32 13.96 16.78 3.43
CA GLY B 32 14.64 17.02 2.17
C GLY B 32 15.18 15.73 1.56
N GLY B 33 16.46 15.73 1.26
CA GLY B 33 17.08 14.55 0.67
C GLY B 33 16.33 14.05 -0.56
N GLY B 34 16.05 14.97 -1.48
CA GLY B 34 15.33 14.60 -2.69
C GLY B 34 14.15 15.51 -2.96
N GLY B 35 13.05 15.30 -2.22
CA GLY B 35 11.87 16.11 -2.41
C GLY B 35 10.77 15.38 -3.15
N GLU B 36 10.98 15.16 -4.45
CA GLU B 36 10.00 14.48 -5.28
C GLU B 36 9.86 13.02 -4.84
N LEU B 37 10.95 12.43 -4.38
CA LEU B 37 10.95 11.04 -3.93
C LEU B 37 9.87 10.81 -2.88
N MET B 38 9.58 11.86 -2.10
CA MET B 38 8.56 11.76 -1.05
C MET B 38 7.16 11.79 -1.66
N LYS B 39 7.03 12.45 -2.80
CA LYS B 39 5.75 12.55 -3.48
C LYS B 39 5.39 11.24 -4.18
N LEU B 40 6.41 10.59 -4.74
CA LEU B 40 6.20 9.33 -5.44
C LEU B 40 5.77 8.24 -4.48
N CYS B 41 6.40 8.19 -3.32
CA CYS B 41 6.07 7.19 -2.31
C CYS B 41 4.75 7.52 -1.63
N GLU B 42 4.54 8.79 -1.34
CA GLU B 42 3.30 9.24 -0.70
C GLU B 42 2.10 9.01 -1.61
N GLU B 43 2.32 9.09 -2.91
CA GLU B 43 1.25 8.90 -3.88
C GLU B 43 0.51 7.59 -3.62
N ALA B 44 1.27 6.54 -3.29
CA ALA B 44 0.68 5.23 -3.01
C ALA B 44 -0.26 5.30 -1.81
N ALA B 45 0.04 6.19 -0.88
CA ALA B 45 -0.78 6.35 0.32
C ALA B 45 -2.08 7.07 0.00
N LYS B 46 -2.03 7.96 -1.00
CA LYS B 46 -3.21 8.72 -1.40
C LYS B 46 -4.36 7.79 -1.76
N LYS B 47 -4.09 6.86 -2.67
CA LYS B 47 -5.11 5.90 -3.10
C LYS B 47 -5.69 5.14 -1.91
N ALA B 48 -4.90 5.03 -0.84
CA ALA B 48 -5.33 4.34 0.36
C ALA B 48 -6.34 5.17 1.15
N GLU B 49 -6.26 6.50 0.99
CA GLU B 49 -7.16 7.40 1.68
C GLU B 49 -8.54 7.38 1.06
N GLU B 50 -8.60 7.18 -0.25
CA GLU B 50 -9.86 7.13 -0.97
C GLU B 50 -10.51 5.75 -0.84
N LEU B 51 -9.67 4.72 -0.69
CA LEU B 51 -10.17 3.36 -0.56
C LEU B 51 -10.92 3.18 0.75
N PHE B 52 -10.34 3.67 1.84
CA PHE B 52 -10.96 3.56 3.16
C PHE B 52 -12.36 4.16 3.15
N LYS B 53 -12.56 5.20 2.34
CA LYS B 53 -13.86 5.85 2.24
C LYS B 53 -14.90 4.90 1.64
N LEU B 54 -14.49 4.14 0.64
CA LEU B 54 -15.39 3.19 -0.01
C LEU B 54 -15.57 1.94 0.84
N ALA B 55 -14.46 1.41 1.34
CA ALA B 55 -14.50 0.21 2.17
C ALA B 55 -15.40 0.42 3.39
N GLU B 56 -15.47 1.66 3.86
CA GLU B 56 -16.29 1.98 5.02
C GLU B 56 -17.78 1.88 4.68
N GLU B 57 -18.17 2.50 3.56
CA GLU B 57 -19.56 2.48 3.12
C GLU B 57 -20.00 1.06 2.77
N ARG B 58 -19.04 0.23 2.39
CA ARG B 58 -19.32 -1.16 2.03
C ARG B 58 -19.40 -2.04 3.26
N LEU B 59 -18.54 -1.77 4.23
CA LEU B 59 -18.51 -2.54 5.47
C LEU B 59 -19.27 -1.82 6.58
N LYS B 60 -20.21 -0.97 6.18
CA LYS B 60 -21.01 -0.22 7.15
C LYS B 60 -21.95 -1.15 7.91
N LYS B 61 -23.01 -1.59 7.24
CA LYS B 61 -23.99 -2.48 7.84
C LYS B 61 -23.99 -3.84 7.15
N LEU B 62 -24.71 -4.80 7.72
CA LEU B 62 -24.80 -6.13 7.16
C LEU B 62 -23.43 -6.79 7.09
N MET A 1 27.56 3.38 1.89
CA MET A 1 26.67 2.23 1.74
C MET A 1 26.08 2.17 0.33
N LYS A 2 25.62 3.32 -0.15
CA LYS A 2 25.03 3.40 -1.48
C LYS A 2 24.07 2.23 -1.73
N LYS A 3 23.75 2.00 -2.99
CA LYS A 3 22.84 0.92 -3.36
C LYS A 3 21.48 1.09 -2.71
N LEU A 4 21.05 2.34 -2.58
CA LEU A 4 19.76 2.65 -1.97
C LEU A 4 18.66 2.72 -3.01
N ARG A 5 19.04 3.07 -4.24
CA ARG A 5 18.09 3.17 -5.34
C ARG A 5 17.39 1.84 -5.59
N GLU A 6 18.18 0.80 -5.84
CA GLU A 6 17.64 -0.53 -6.09
C GLU A 6 16.86 -1.04 -4.88
N GLU A 7 17.38 -0.75 -3.69
CA GLU A 7 16.74 -1.18 -2.46
C GLU A 7 15.33 -0.62 -2.35
N ALA A 8 15.12 0.56 -2.93
CA ALA A 8 13.80 1.20 -2.90
C ALA A 8 12.81 0.46 -3.79
N ALA A 9 13.24 0.12 -4.99
CA ALA A 9 12.39 -0.60 -5.95
C ALA A 9 11.85 -1.88 -5.33
N LYS A 10 12.73 -2.64 -4.67
CA LYS A 10 12.34 -3.89 -4.05
C LYS A 10 11.58 -3.63 -2.75
N LEU A 11 11.93 -2.55 -2.07
CA LEU A 11 11.28 -2.19 -0.82
C LEU A 11 9.77 -2.13 -0.98
N PHE A 12 9.32 -1.74 -2.16
CA PHE A 12 7.90 -1.64 -2.45
C PHE A 12 7.21 -2.98 -2.23
N GLU A 13 7.96 -4.07 -2.40
CA GLU A 13 7.42 -5.41 -2.21
C GLU A 13 7.01 -5.63 -0.76
N GLU A 14 7.72 -4.99 0.16
CA GLU A 14 7.43 -5.12 1.59
C GLU A 14 5.94 -4.85 1.87
N TRP A 15 5.44 -3.76 1.31
CA TRP A 15 4.04 -3.38 1.50
C TRP A 15 3.11 -4.52 1.07
N LYS A 16 3.41 -5.13 -0.07
CA LYS A 16 2.60 -6.23 -0.58
C LYS A 16 2.42 -7.31 0.47
N LYS A 17 3.42 -7.47 1.33
CA LYS A 17 3.38 -8.47 2.38
C LYS A 17 2.11 -8.31 3.23
N LEU A 18 1.86 -7.08 3.67
CA LEU A 18 0.69 -6.79 4.49
C LEU A 18 -0.58 -6.76 3.64
N ALA A 19 -0.44 -6.32 2.39
CA ALA A 19 -1.56 -6.25 1.47
C ALA A 19 -2.13 -7.63 1.20
N GLU A 20 -1.25 -8.60 0.99
CA GLU A 20 -1.67 -9.97 0.72
C GLU A 20 -2.36 -10.59 1.94
N GLU A 21 -1.85 -10.28 3.13
CA GLU A 21 -2.41 -10.79 4.37
C GLU A 21 -3.78 -10.20 4.63
N ALA A 22 -3.98 -8.95 4.18
CA ALA A 22 -5.25 -8.27 4.38
C ALA A 22 -6.35 -8.91 3.53
N ALA A 23 -5.97 -9.45 2.38
CA ALA A 23 -6.93 -10.09 1.48
C ALA A 23 -7.32 -11.47 2.00
N LYS A 24 -6.39 -12.13 2.68
CA LYS A 24 -6.64 -13.45 3.23
C LYS A 24 -7.53 -13.38 4.46
N LEU A 25 -7.41 -12.28 5.19
CA LEU A 25 -8.21 -12.07 6.40
C LEU A 25 -9.65 -11.73 6.04
N LEU A 26 -9.83 -11.02 4.92
CA LEU A 26 -11.15 -10.62 4.47
C LEU A 26 -11.90 -11.82 3.86
N GLU A 27 -11.16 -12.67 3.16
CA GLU A 27 -11.75 -13.85 2.54
C GLU A 27 -11.85 -15.01 3.52
N GLY A 28 -10.96 -15.01 4.52
CA GLY A 28 -10.96 -16.07 5.50
C GLY A 28 -11.81 -15.74 6.71
N GLY A 29 -13.12 -15.66 6.51
CA GLY A 29 -14.03 -15.34 7.59
C GLY A 29 -15.47 -15.35 7.16
N GLY A 30 -15.72 -14.95 5.91
CA GLY A 30 -17.08 -14.92 5.39
C GLY A 30 -17.14 -14.42 3.98
N GLY A 31 -17.02 -15.33 3.02
CA GLY A 31 -17.07 -14.95 1.62
C GLY A 31 -17.23 -16.15 0.70
N GLY A 32 -17.10 -15.91 -0.60
CA GLY A 32 -17.24 -16.99 -1.58
C GLY A 32 -16.95 -16.53 -2.99
N GLY A 33 -17.94 -16.69 -3.87
CA GLY A 33 -17.77 -16.29 -5.25
C GLY A 33 -18.04 -14.82 -5.46
N GLY A 34 -17.20 -14.17 -6.27
CA GLY A 34 -17.37 -12.75 -6.55
C GLY A 34 -17.21 -11.91 -5.30
N GLY A 35 -16.08 -12.08 -4.60
CA GLY A 35 -15.84 -11.32 -3.40
C GLY A 35 -15.11 -10.02 -3.68
N GLU A 36 -15.84 -8.91 -3.65
CA GLU A 36 -15.27 -7.60 -3.90
C GLU A 36 -14.22 -7.25 -2.85
N LEU A 37 -14.43 -7.74 -1.62
CA LEU A 37 -13.51 -7.47 -0.53
C LEU A 37 -12.10 -7.93 -0.88
N MET A 38 -12.02 -8.98 -1.71
CA MET A 38 -10.73 -9.51 -2.12
C MET A 38 -10.08 -8.62 -3.18
N LYS A 39 -10.92 -7.99 -4.00
CA LYS A 39 -10.43 -7.11 -5.06
C LYS A 39 -9.99 -5.76 -4.48
N LEU A 40 -10.62 -5.36 -3.38
CA LEU A 40 -10.29 -4.09 -2.73
C LEU A 40 -8.81 -4.04 -2.38
N CYS A 41 -8.33 -5.06 -1.66
CA CYS A 41 -6.94 -5.13 -1.25
C CYS A 41 -6.02 -5.30 -2.47
N GLU A 42 -6.48 -6.09 -3.44
CA GLU A 42 -5.70 -6.33 -4.64
C GLU A 42 -5.49 -5.04 -5.43
N GLU A 43 -6.48 -4.16 -5.38
CA GLU A 43 -6.40 -2.88 -6.08
C GLU A 43 -5.24 -2.03 -5.56
N ALA A 44 -5.11 -2.00 -4.23
CA ALA A 44 -4.05 -1.22 -3.60
C ALA A 44 -2.68 -1.81 -3.93
N ALA A 45 -2.60 -3.13 -3.97
CA ALA A 45 -1.35 -3.82 -4.28
C ALA A 45 -1.03 -3.73 -5.77
N LYS A 46 -2.06 -3.59 -6.59
CA LYS A 46 -1.89 -3.50 -8.03
C LYS A 46 -1.27 -2.16 -8.42
N LYS A 47 -1.56 -1.13 -7.64
CA LYS A 47 -1.04 0.21 -7.90
C LYS A 47 0.48 0.24 -7.71
N ALA A 48 0.97 -0.64 -6.84
CA ALA A 48 2.41 -0.71 -6.57
C ALA A 48 3.16 -1.31 -7.76
N GLU A 49 2.48 -2.19 -8.49
CA GLU A 49 3.09 -2.84 -9.65
C GLU A 49 3.21 -1.87 -10.82
N GLU A 50 2.24 -0.96 -10.93
CA GLU A 50 2.23 0.03 -12.00
C GLU A 50 3.21 1.15 -11.72
N LEU A 51 3.44 1.41 -10.43
CA LEU A 51 4.36 2.48 -10.01
C LEU A 51 5.80 2.09 -10.30
N PHE A 52 6.08 0.78 -10.28
CA PHE A 52 7.42 0.28 -10.54
C PHE A 52 7.95 0.81 -11.88
N LYS A 53 7.05 0.99 -12.83
CA LYS A 53 7.42 1.49 -14.14
C LYS A 53 8.01 2.90 -14.06
N LEU A 54 7.37 3.74 -13.25
CA LEU A 54 7.83 5.11 -13.07
C LEU A 54 9.04 5.16 -12.13
N ALA A 55 8.93 4.46 -11.00
CA ALA A 55 10.01 4.43 -10.02
C ALA A 55 11.33 4.03 -10.68
N GLU A 56 11.25 3.20 -11.71
CA GLU A 56 12.44 2.74 -12.41
C GLU A 56 12.98 3.83 -13.33
N GLU A 57 12.07 4.62 -13.89
CA GLU A 57 12.46 5.71 -14.79
C GLU A 57 13.00 6.89 -14.01
N ARG A 58 12.58 7.02 -12.76
CA ARG A 58 13.04 8.11 -11.90
C ARG A 58 14.26 7.70 -11.09
N LEU A 59 14.29 6.43 -10.68
CA LEU A 59 15.41 5.91 -9.90
C LEU A 59 16.41 5.19 -10.80
N LYS A 60 16.44 5.57 -12.06
CA LYS A 60 17.36 4.96 -13.03
C LYS A 60 18.81 5.24 -12.64
N LYS A 61 19.59 4.17 -12.49
CA LYS A 61 21.00 4.31 -12.13
C LYS A 61 21.69 2.95 -12.15
N LEU A 62 22.56 2.76 -13.14
CA LEU A 62 23.30 1.51 -13.29
C LEU A 62 24.57 1.71 -14.09
N MET B 1 -19.65 -12.80 12.92
CA MET B 1 -20.51 -12.57 11.76
C MET B 1 -20.04 -11.36 10.97
N LYS B 2 -19.86 -10.24 11.65
CA LYS B 2 -19.41 -9.01 11.00
C LYS B 2 -18.25 -8.39 11.75
N LYS B 3 -17.59 -9.20 12.58
CA LYS B 3 -16.45 -8.72 13.37
C LYS B 3 -15.18 -8.74 12.53
N LEU B 4 -15.01 -9.78 11.72
CA LEU B 4 -13.83 -9.90 10.87
C LEU B 4 -13.70 -8.70 9.94
N ARG B 5 -14.83 -8.07 9.64
CA ARG B 5 -14.83 -6.90 8.77
C ARG B 5 -14.06 -5.74 9.40
N GLU B 6 -14.45 -5.35 10.61
CA GLU B 6 -13.79 -4.25 11.31
C GLU B 6 -12.40 -4.68 11.78
N GLU B 7 -12.26 -5.96 12.09
CA GLU B 7 -10.98 -6.49 12.55
C GLU B 7 -9.94 -6.49 11.44
N ALA B 8 -10.43 -6.67 10.20
CA ALA B 8 -9.54 -6.68 9.05
C ALA B 8 -9.05 -5.28 8.69
N ALA B 9 -9.88 -4.28 9.01
CA ALA B 9 -9.53 -2.90 8.73
C ALA B 9 -8.16 -2.54 9.29
N LYS B 10 -7.78 -3.23 10.37
CA LYS B 10 -6.48 -2.99 11.00
C LYS B 10 -5.34 -3.23 10.02
N LEU B 11 -5.55 -4.17 9.09
CA LEU B 11 -4.53 -4.48 8.09
C LEU B 11 -4.45 -3.39 7.03
N PHE B 12 -5.58 -2.76 6.74
CA PHE B 12 -5.63 -1.69 5.75
C PHE B 12 -4.73 -0.53 6.16
N GLU B 13 -4.79 -0.17 7.44
CA GLU B 13 -3.98 0.92 7.96
C GLU B 13 -2.52 0.52 8.09
N GLU B 14 -2.29 -0.77 8.37
CA GLU B 14 -0.94 -1.30 8.53
C GLU B 14 -0.10 -0.99 7.29
N TRP B 15 -0.76 -0.82 6.15
CA TRP B 15 -0.07 -0.52 4.91
C TRP B 15 0.74 0.77 5.02
N LYS B 16 0.16 1.77 5.67
CA LYS B 16 0.83 3.05 5.86
C LYS B 16 1.92 2.96 6.91
N LYS B 17 1.85 1.92 7.74
CA LYS B 17 2.84 1.71 8.79
C LYS B 17 4.20 1.39 8.19
N LEU B 18 4.23 0.45 7.24
CA LEU B 18 5.48 0.06 6.60
C LEU B 18 5.91 1.11 5.59
N ALA B 19 4.94 1.77 4.96
CA ALA B 19 5.23 2.81 3.97
C ALA B 19 5.95 3.99 4.62
N GLU B 20 5.50 4.38 5.80
CA GLU B 20 6.10 5.50 6.51
C GLU B 20 7.50 5.15 7.00
N GLU B 21 7.67 3.91 7.43
CA GLU B 21 8.98 3.44 7.92
C GLU B 21 9.95 3.24 6.77
N ALA B 22 9.41 2.87 5.60
CA ALA B 22 10.23 2.63 4.43
C ALA B 22 10.68 3.96 3.80
N ALA B 23 9.85 4.98 3.94
CA ALA B 23 10.15 6.30 3.40
C ALA B 23 11.54 6.76 3.83
N LYS B 24 11.96 6.32 5.01
CA LYS B 24 13.26 6.69 5.54
C LYS B 24 14.38 6.34 4.55
N LEU B 25 14.16 5.26 3.80
CA LEU B 25 15.16 4.83 2.82
C LEU B 25 15.13 5.72 1.58
N LEU B 26 13.97 6.27 1.27
CA LEU B 26 13.81 7.15 0.12
C LEU B 26 14.30 8.56 0.45
N GLU B 27 14.17 8.94 1.71
CA GLU B 27 14.59 10.26 2.16
C GLU B 27 16.05 10.24 2.61
N GLY B 28 16.51 9.08 3.05
CA GLY B 28 17.89 8.95 3.50
C GLY B 28 18.25 9.99 4.54
N GLY B 29 17.63 9.89 5.72
CA GLY B 29 17.91 10.83 6.78
C GLY B 29 17.35 10.38 8.12
N GLY B 30 17.21 9.08 8.29
CA GLY B 30 16.69 8.54 9.53
C GLY B 30 15.18 8.69 9.63
N GLY B 31 14.70 9.93 9.66
CA GLY B 31 13.29 10.18 9.77
C GLY B 31 12.93 11.63 9.47
N GLY B 32 13.67 12.24 8.56
CA GLY B 32 13.42 13.64 8.21
C GLY B 32 14.37 14.14 7.13
N GLY B 33 13.80 14.76 6.11
CA GLY B 33 14.62 15.29 5.02
C GLY B 33 13.80 16.10 4.03
N GLY B 34 14.32 16.23 2.81
CA GLY B 34 13.62 16.98 1.79
C GLY B 34 13.79 16.37 0.40
N GLY B 35 12.84 15.52 0.02
CA GLY B 35 12.90 14.88 -1.28
C GLY B 35 11.54 14.52 -1.82
N GLU B 36 11.39 14.55 -3.14
CA GLU B 36 10.12 14.24 -3.78
C GLU B 36 9.75 12.77 -3.55
N LEU B 37 10.76 11.93 -3.39
CA LEU B 37 10.54 10.50 -3.16
C LEU B 37 9.72 10.28 -1.89
N MET B 38 9.86 11.18 -0.94
CA MET B 38 9.13 11.08 0.33
C MET B 38 7.63 11.31 0.10
N LYS B 39 7.30 12.33 -0.68
CA LYS B 39 5.91 12.65 -0.97
C LYS B 39 5.33 11.68 -2.00
N LEU B 40 6.19 11.18 -2.88
CA LEU B 40 5.77 10.24 -3.91
C LEU B 40 5.41 8.89 -3.31
N CYS B 41 6.13 8.51 -2.25
CA CYS B 41 5.89 7.23 -1.59
C CYS B 41 4.60 7.28 -0.76
N GLU B 42 4.43 8.38 -0.02
CA GLU B 42 3.25 8.55 0.82
C GLU B 42 1.98 8.38 0.00
N GLU B 43 2.06 8.74 -1.28
CA GLU B 43 0.91 8.63 -2.17
C GLU B 43 0.29 7.24 -2.11
N ALA B 44 1.14 6.23 -1.95
CA ALA B 44 0.69 4.84 -1.87
C ALA B 44 -0.25 4.64 -0.69
N ALA B 45 0.18 5.10 0.48
CA ALA B 45 -0.61 4.97 1.70
C ALA B 45 -1.81 5.90 1.67
N LYS B 46 -1.68 6.99 0.92
CA LYS B 46 -2.76 7.98 0.81
C LYS B 46 -4.02 7.34 0.25
N LYS B 47 -3.90 6.65 -0.87
CA LYS B 47 -5.02 5.99 -1.51
C LYS B 47 -5.76 5.09 -0.51
N ALA B 48 -5.03 4.57 0.46
CA ALA B 48 -5.61 3.70 1.48
C ALA B 48 -6.47 4.50 2.44
N GLU B 49 -6.04 5.72 2.75
CA GLU B 49 -6.77 6.58 3.67
C GLU B 49 -8.05 7.10 3.02
N GLU B 50 -8.00 7.32 1.71
CA GLU B 50 -9.14 7.83 0.97
C GLU B 50 -10.15 6.70 0.71
N LEU B 51 -9.65 5.49 0.55
CA LEU B 51 -10.50 4.33 0.29
C LEU B 51 -11.28 3.94 1.54
N PHE B 52 -10.71 4.24 2.71
CA PHE B 52 -11.36 3.93 3.97
C PHE B 52 -12.78 4.48 4.00
N LYS B 53 -12.98 5.63 3.36
CA LYS B 53 -14.29 6.27 3.31
C LYS B 53 -15.33 5.34 2.70
N LEU B 54 -15.02 4.79 1.54
CA LEU B 54 -15.93 3.87 0.84
C LEU B 54 -15.93 2.50 1.52
N ALA B 55 -14.76 2.04 1.91
CA ALA B 55 -14.63 0.74 2.57
C ALA B 55 -15.57 0.65 3.76
N GLU B 56 -15.87 1.78 4.37
CA GLU B 56 -16.76 1.82 5.53
C GLU B 56 -18.19 1.47 5.12
N GLU B 57 -18.64 2.06 4.02
CA GLU B 57 -19.99 1.82 3.52
C GLU B 57 -20.16 0.37 3.07
N ARG B 58 -19.05 -0.26 2.70
CA ARG B 58 -19.07 -1.64 2.25
C ARG B 58 -18.92 -2.60 3.43
N LEU B 59 -18.12 -2.20 4.41
CA LEU B 59 -17.89 -3.02 5.60
C LEU B 59 -18.83 -2.61 6.72
N LYS B 60 -19.96 -2.01 6.37
CA LYS B 60 -20.93 -1.57 7.37
C LYS B 60 -20.30 -0.63 8.38
N LYS B 61 -21.09 -0.21 9.37
CA LYS B 61 -20.59 0.68 10.41
C LYS B 61 -21.40 0.52 11.69
N LEU B 62 -21.97 -0.67 11.88
CA LEU B 62 -22.76 -0.95 13.07
C LEU B 62 -21.93 -1.72 14.10
N MET A 1 26.48 2.91 -9.22
CA MET A 1 26.22 2.17 -8.00
C MET A 1 25.04 2.78 -7.24
N LYS A 2 24.22 1.91 -6.66
CA LYS A 2 23.05 2.35 -5.91
C LYS A 2 23.00 1.67 -4.54
N LYS A 3 22.45 2.38 -3.56
CA LYS A 3 22.33 1.85 -2.20
C LYS A 3 20.92 2.01 -1.67
N LEU A 4 20.35 3.21 -1.84
CA LEU A 4 19.00 3.48 -1.38
C LEU A 4 18.00 3.38 -2.54
N ARG A 5 18.48 3.60 -3.76
CA ARG A 5 17.64 3.52 -4.94
C ARG A 5 17.20 2.08 -5.22
N GLU A 6 18.19 1.20 -5.34
CA GLU A 6 17.92 -0.21 -5.61
C GLU A 6 16.96 -0.78 -4.57
N GLU A 7 17.14 -0.39 -3.31
CA GLU A 7 16.28 -0.86 -2.23
C GLU A 7 14.89 -0.24 -2.32
N ALA A 8 14.83 0.98 -2.84
CA ALA A 8 13.56 1.69 -2.98
C ALA A 8 12.58 0.88 -3.84
N ALA A 9 13.05 0.43 -4.99
CA ALA A 9 12.22 -0.34 -5.90
C ALA A 9 11.71 -1.62 -5.23
N LYS A 10 12.54 -2.20 -4.36
CA LYS A 10 12.17 -3.41 -3.65
C LYS A 10 11.11 -3.13 -2.60
N LEU A 11 11.18 -1.96 -1.98
CA LEU A 11 10.22 -1.56 -0.97
C LEU A 11 8.80 -1.59 -1.52
N PHE A 12 8.66 -1.32 -2.81
CA PHE A 12 7.36 -1.31 -3.47
C PHE A 12 6.68 -2.69 -3.36
N GLU A 13 7.51 -3.72 -3.25
CA GLU A 13 7.00 -5.09 -3.14
C GLU A 13 6.43 -5.34 -1.75
N GLU A 14 7.02 -4.70 -0.75
CA GLU A 14 6.58 -4.86 0.64
C GLU A 14 5.09 -4.56 0.76
N TRP A 15 4.63 -3.57 0.02
CA TRP A 15 3.22 -3.18 0.05
C TRP A 15 2.33 -4.29 -0.48
N LYS A 16 2.66 -4.78 -1.68
CA LYS A 16 1.89 -5.85 -2.30
C LYS A 16 1.97 -7.13 -1.47
N LYS A 17 3.11 -7.35 -0.83
CA LYS A 17 3.31 -8.53 0.00
C LYS A 17 2.21 -8.66 1.03
N LEU A 18 1.95 -7.59 1.78
CA LEU A 18 0.92 -7.59 2.81
C LEU A 18 -0.46 -7.49 2.17
N ALA A 19 -0.53 -6.90 0.98
CA ALA A 19 -1.79 -6.75 0.27
C ALA A 19 -2.38 -8.10 -0.10
N GLU A 20 -1.53 -8.99 -0.61
CA GLU A 20 -1.97 -10.32 -1.00
C GLU A 20 -2.52 -11.10 0.19
N GLU A 21 -1.78 -11.06 1.29
CA GLU A 21 -2.19 -11.77 2.50
C GLU A 21 -3.50 -11.20 3.04
N ALA A 22 -3.72 -9.90 2.82
CA ALA A 22 -4.92 -9.24 3.28
C ALA A 22 -6.15 -9.75 2.55
N ALA A 23 -5.97 -10.14 1.29
CA ALA A 23 -7.06 -10.65 0.47
C ALA A 23 -7.62 -11.94 1.07
N LYS A 24 -6.77 -12.69 1.76
CA LYS A 24 -7.19 -13.94 2.37
C LYS A 24 -8.09 -13.68 3.58
N LEU A 25 -7.75 -12.66 4.36
CA LEU A 25 -8.53 -12.32 5.53
C LEU A 25 -9.92 -11.83 5.15
N LEU A 26 -10.00 -11.12 4.01
CA LEU A 26 -11.27 -10.60 3.52
C LEU A 26 -12.19 -11.73 3.08
N GLU A 27 -11.60 -12.77 2.49
CA GLU A 27 -12.36 -13.92 2.02
C GLU A 27 -12.31 -15.06 3.03
N GLY A 28 -11.89 -14.75 4.25
CA GLY A 28 -11.80 -15.75 5.29
C GLY A 28 -13.16 -16.18 5.81
N GLY A 29 -13.84 -15.27 6.50
CA GLY A 29 -15.15 -15.59 7.04
C GLY A 29 -16.28 -15.04 6.17
N GLY A 30 -15.96 -14.75 4.92
CA GLY A 30 -16.97 -14.22 4.01
C GLY A 30 -16.60 -14.45 2.55
N GLY A 31 -17.21 -15.48 1.95
CA GLY A 31 -16.93 -15.78 0.56
C GLY A 31 -18.01 -16.64 -0.07
N GLY A 32 -19.15 -16.01 -0.36
CA GLY A 32 -20.25 -16.74 -0.97
C GLY A 32 -21.17 -15.84 -1.78
N GLY A 33 -20.58 -14.87 -2.48
CA GLY A 33 -21.36 -13.96 -3.28
C GLY A 33 -20.52 -13.27 -4.36
N GLY A 34 -20.56 -11.94 -4.38
CA GLY A 34 -19.80 -11.19 -5.36
C GLY A 34 -18.31 -11.23 -5.10
N GLY A 35 -17.94 -11.22 -3.82
CA GLY A 35 -16.54 -11.25 -3.46
C GLY A 35 -15.81 -9.98 -3.87
N GLU A 36 -16.50 -8.86 -3.82
CA GLU A 36 -15.91 -7.58 -4.20
C GLU A 36 -14.73 -7.23 -3.29
N LEU A 37 -14.80 -7.68 -2.05
CA LEU A 37 -13.74 -7.42 -1.09
C LEU A 37 -12.40 -7.95 -1.59
N MET A 38 -12.46 -9.01 -2.38
CA MET A 38 -11.26 -9.62 -2.94
C MET A 38 -10.69 -8.76 -4.06
N LYS A 39 -11.57 -8.08 -4.78
CA LYS A 39 -11.15 -7.22 -5.88
C LYS A 39 -10.57 -5.91 -5.37
N LEU A 40 -11.09 -5.44 -4.24
CA LEU A 40 -10.63 -4.20 -3.63
C LEU A 40 -9.13 -4.27 -3.34
N CYS A 41 -8.69 -5.35 -2.71
CA CYS A 41 -7.29 -5.53 -2.38
C CYS A 41 -6.45 -5.74 -3.64
N GLU A 42 -6.94 -6.60 -4.53
CA GLU A 42 -6.24 -6.90 -5.78
C GLU A 42 -6.00 -5.61 -6.57
N GLU A 43 -7.04 -4.79 -6.67
CA GLU A 43 -6.96 -3.54 -7.41
C GLU A 43 -5.84 -2.66 -6.85
N ALA A 44 -5.84 -2.49 -5.54
CA ALA A 44 -4.83 -1.66 -4.87
C ALA A 44 -3.42 -2.13 -5.24
N ALA A 45 -3.23 -3.44 -5.33
CA ALA A 45 -1.94 -4.01 -5.67
C ALA A 45 -1.61 -3.78 -7.15
N LYS A 46 -2.65 -3.69 -7.97
CA LYS A 46 -2.47 -3.47 -9.40
C LYS A 46 -1.85 -2.10 -9.67
N LYS A 47 -2.26 -1.11 -8.89
CA LYS A 47 -1.74 0.24 -9.05
C LYS A 47 -0.23 0.27 -8.89
N ALA A 48 0.29 -0.62 -8.04
CA ALA A 48 1.73 -0.69 -7.82
C ALA A 48 2.47 -1.04 -9.10
N GLU A 49 1.81 -1.78 -9.98
CA GLU A 49 2.40 -2.18 -11.25
C GLU A 49 2.62 -0.97 -12.16
N GLU A 50 1.71 0.00 -12.06
CA GLU A 50 1.79 1.21 -12.88
C GLU A 50 2.84 2.16 -12.33
N LEU A 51 3.01 2.14 -11.01
CA LEU A 51 3.98 3.02 -10.36
C LEU A 51 5.41 2.54 -10.63
N PHE A 52 5.58 1.23 -10.69
CA PHE A 52 6.90 0.64 -10.95
C PHE A 52 7.46 1.14 -12.28
N LYS A 53 6.57 1.36 -13.24
CA LYS A 53 6.97 1.84 -14.56
C LYS A 53 7.60 3.22 -14.48
N LEU A 54 7.02 4.08 -13.65
CA LEU A 54 7.53 5.44 -13.47
C LEU A 54 8.79 5.44 -12.59
N ALA A 55 8.70 4.74 -11.45
CA ALA A 55 9.82 4.67 -10.53
C ALA A 55 11.08 4.15 -11.23
N GLU A 56 10.88 3.36 -12.28
CA GLU A 56 12.00 2.80 -13.03
C GLU A 56 12.64 3.86 -13.93
N GLU A 57 11.80 4.75 -14.45
CA GLU A 57 12.27 5.81 -15.34
C GLU A 57 12.93 6.93 -14.54
N ARG A 58 12.53 7.07 -13.28
CA ARG A 58 13.07 8.10 -12.41
C ARG A 58 14.34 7.61 -11.71
N LEU A 59 14.34 6.33 -11.34
CA LEU A 59 15.49 5.74 -10.66
C LEU A 59 16.33 4.91 -11.64
N LYS A 60 16.23 5.24 -12.91
CA LYS A 60 16.97 4.53 -13.95
C LYS A 60 16.70 5.12 -15.32
N LYS A 61 17.75 5.36 -16.09
CA LYS A 61 17.63 5.92 -17.44
C LYS A 61 17.23 4.84 -18.43
N LEU A 62 17.96 3.74 -18.44
CA LEU A 62 17.68 2.63 -19.35
C LEU A 62 17.36 1.36 -18.58
N MET B 1 -17.44 -16.34 11.87
CA MET B 1 -18.47 -15.84 10.97
C MET B 1 -19.14 -14.59 11.55
N LYS B 2 -18.39 -13.84 12.33
CA LYS B 2 -18.91 -12.62 12.94
C LYS B 2 -17.76 -11.71 13.39
N LYS B 3 -18.08 -10.43 13.59
CA LYS B 3 -17.08 -9.46 14.02
C LYS B 3 -15.89 -9.43 13.05
N LEU B 4 -16.14 -9.81 11.81
CA LEU B 4 -15.09 -9.82 10.79
C LEU B 4 -14.93 -8.45 10.16
N ARG B 5 -16.01 -7.68 10.16
CA ARG B 5 -15.98 -6.34 9.58
C ARG B 5 -14.96 -5.46 10.29
N GLU B 6 -14.81 -5.66 11.59
CA GLU B 6 -13.86 -4.87 12.38
C GLU B 6 -12.43 -5.20 11.98
N GLU B 7 -12.19 -6.44 11.57
CA GLU B 7 -10.87 -6.87 11.16
C GLU B 7 -10.51 -6.31 9.79
N ALA B 8 -11.51 -6.20 8.93
CA ALA B 8 -11.30 -5.67 7.58
C ALA B 8 -10.80 -4.23 7.63
N ALA B 9 -11.43 -3.42 8.47
CA ALA B 9 -11.05 -2.02 8.61
C ALA B 9 -9.59 -1.89 9.06
N LYS B 10 -9.19 -2.74 10.00
CA LYS B 10 -7.83 -2.72 10.52
C LYS B 10 -6.85 -3.27 9.50
N LEU B 11 -7.31 -4.26 8.72
CA LEU B 11 -6.47 -4.87 7.70
C LEU B 11 -5.84 -3.82 6.80
N PHE B 12 -6.61 -2.77 6.49
CA PHE B 12 -6.13 -1.69 5.64
C PHE B 12 -4.92 -1.00 6.26
N GLU B 13 -4.96 -0.85 7.58
CA GLU B 13 -3.87 -0.20 8.30
C GLU B 13 -2.58 -1.01 8.17
N GLU B 14 -2.71 -2.34 8.18
CA GLU B 14 -1.55 -3.22 8.07
C GLU B 14 -0.70 -2.84 6.86
N TRP B 15 -1.34 -2.76 5.70
CA TRP B 15 -0.64 -2.42 4.47
C TRP B 15 -0.41 -0.92 4.37
N LYS B 16 -1.47 -0.15 4.66
CA LYS B 16 -1.40 1.31 4.61
C LYS B 16 -0.22 1.82 5.43
N LYS B 17 0.15 1.07 6.47
CA LYS B 17 1.25 1.46 7.33
C LYS B 17 2.59 1.26 6.62
N LEU B 18 2.73 0.14 5.93
CA LEU B 18 3.96 -0.15 5.20
C LEU B 18 4.26 0.93 4.17
N ALA B 19 3.22 1.41 3.49
CA ALA B 19 3.38 2.44 2.48
C ALA B 19 3.93 3.72 3.09
N GLU B 20 3.44 4.07 4.29
CA GLU B 20 3.90 5.27 4.97
C GLU B 20 5.33 5.09 5.48
N GLU B 21 5.70 3.87 5.79
CA GLU B 21 7.04 3.56 6.29
C GLU B 21 8.06 3.65 5.16
N ALA B 22 7.65 3.27 3.95
CA ALA B 22 8.53 3.31 2.79
C ALA B 22 8.87 4.74 2.41
N ALA B 23 7.92 5.65 2.63
CA ALA B 23 8.12 7.06 2.31
C ALA B 23 9.32 7.64 3.05
N LYS B 24 9.55 7.14 4.27
CA LYS B 24 10.66 7.60 5.08
C LYS B 24 11.99 7.05 4.55
N LEU B 25 11.95 5.85 3.98
CA LEU B 25 13.15 5.23 3.43
C LEU B 25 13.54 5.88 2.10
N LEU B 26 12.54 6.33 1.35
CA LEU B 26 12.79 6.97 0.07
C LEU B 26 13.33 8.38 0.26
N GLU B 27 12.86 9.06 1.31
CA GLU B 27 13.30 10.41 1.59
C GLU B 27 14.57 10.41 2.44
N GLY B 28 14.76 9.33 3.20
CA GLY B 28 15.93 9.22 4.05
C GLY B 28 17.22 9.46 3.29
N GLY B 29 17.21 9.17 2.00
CA GLY B 29 18.39 9.36 1.18
C GLY B 29 18.97 10.75 1.31
N GLY B 30 18.11 11.72 1.60
CA GLY B 30 18.55 13.10 1.75
C GLY B 30 17.45 14.10 1.48
N GLY B 31 16.32 13.91 2.15
CA GLY B 31 15.19 14.81 1.97
C GLY B 31 15.13 15.89 3.04
N GLY B 32 15.01 15.46 4.29
CA GLY B 32 14.94 16.41 5.40
C GLY B 32 13.74 17.33 5.29
N GLY B 33 14.02 18.62 5.10
CA GLY B 33 12.93 19.59 4.98
C GLY B 33 11.98 19.26 3.86
N GLY B 34 12.49 18.64 2.81
CA GLY B 34 11.65 18.27 1.68
C GLY B 34 12.35 17.35 0.71
N GLY B 35 11.57 16.65 -0.11
CA GLY B 35 12.15 15.73 -1.08
C GLY B 35 11.13 15.25 -2.09
N GLU B 36 11.60 14.90 -3.29
CA GLU B 36 10.73 14.42 -4.35
C GLU B 36 10.43 12.93 -4.17
N LEU B 37 11.41 12.19 -3.66
CA LEU B 37 11.25 10.75 -3.44
C LEU B 37 10.06 10.47 -2.54
N MET B 38 9.76 11.40 -1.65
CA MET B 38 8.63 11.25 -0.73
C MET B 38 7.30 11.50 -1.44
N LYS B 39 7.34 12.34 -2.46
CA LYS B 39 6.15 12.67 -3.23
C LYS B 39 5.74 11.50 -4.13
N LEU B 40 6.73 10.77 -4.62
CA LEU B 40 6.48 9.62 -5.50
C LEU B 40 5.83 8.48 -4.72
N CYS B 41 6.29 8.27 -3.49
CA CYS B 41 5.75 7.21 -2.65
C CYS B 41 4.38 7.60 -2.10
N GLU B 42 4.17 8.89 -1.88
CA GLU B 42 2.91 9.39 -1.35
C GLU B 42 1.75 9.02 -2.29
N GLU B 43 2.06 8.96 -3.59
CA GLU B 43 1.04 8.61 -4.59
C GLU B 43 0.32 7.33 -4.21
N ALA B 44 1.09 6.31 -3.84
CA ALA B 44 0.52 5.02 -3.45
C ALA B 44 -0.37 5.15 -2.22
N ALA B 45 0.01 6.06 -1.33
CA ALA B 45 -0.76 6.29 -0.11
C ALA B 45 -2.02 7.10 -0.40
N LYS B 46 -1.98 7.89 -1.46
CA LYS B 46 -3.12 8.72 -1.85
C LYS B 46 -4.33 7.85 -2.16
N LYS B 47 -4.13 6.81 -2.95
CA LYS B 47 -5.20 5.90 -3.32
C LYS B 47 -5.83 5.27 -2.09
N ALA B 48 -5.01 5.04 -1.06
CA ALA B 48 -5.50 4.43 0.18
C ALA B 48 -6.48 5.36 0.88
N GLU B 49 -6.27 6.66 0.75
CA GLU B 49 -7.15 7.64 1.38
C GLU B 49 -8.49 7.70 0.67
N GLU B 50 -8.48 7.49 -0.65
CA GLU B 50 -9.70 7.52 -1.44
C GLU B 50 -10.48 6.22 -1.29
N LEU B 51 -9.77 5.12 -1.08
CA LEU B 51 -10.39 3.82 -0.91
C LEU B 51 -11.17 3.74 0.39
N PHE B 52 -10.69 4.47 1.39
CA PHE B 52 -11.33 4.49 2.71
C PHE B 52 -12.79 4.94 2.58
N LYS B 53 -13.04 5.83 1.64
CA LYS B 53 -14.39 6.35 1.41
C LYS B 53 -15.32 5.25 0.91
N LEU B 54 -14.81 4.42 0.01
CA LEU B 54 -15.58 3.32 -0.55
C LEU B 54 -15.82 2.23 0.49
N ALA B 55 -14.76 1.88 1.21
CA ALA B 55 -14.84 0.85 2.24
C ALA B 55 -15.97 1.15 3.23
N GLU B 56 -16.27 2.43 3.39
CA GLU B 56 -17.32 2.86 4.32
C GLU B 56 -18.69 2.36 3.84
N GLU B 57 -18.98 2.57 2.57
CA GLU B 57 -20.25 2.14 1.99
C GLU B 57 -20.26 0.65 1.73
N ARG B 58 -19.07 0.10 1.44
CA ARG B 58 -18.93 -1.32 1.17
C ARG B 58 -19.27 -2.15 2.40
N LEU B 59 -18.86 -1.67 3.56
CA LEU B 59 -19.12 -2.37 4.82
C LEU B 59 -20.12 -1.61 5.67
N LYS B 60 -20.93 -0.78 5.03
CA LYS B 60 -21.94 0.01 5.72
C LYS B 60 -21.30 0.82 6.85
N LYS B 61 -22.14 1.46 7.67
CA LYS B 61 -21.67 2.26 8.78
C LYS B 61 -22.73 2.35 9.89
N LEU B 62 -22.31 2.75 11.07
CA LEU B 62 -23.22 2.88 12.20
C LEU B 62 -22.50 3.43 13.43
#